data_6FYM
#
_entry.id   6FYM
#
_cell.length_a   40.370
_cell.length_b   84.040
_cell.length_c   84.440
_cell.angle_alpha   119.77
_cell.angle_beta   100.01
_cell.angle_gamma   91.44
#
_symmetry.space_group_name_H-M   'P 1'
#
loop_
_entity.id
_entity.type
_entity.pdbx_description
1 polymer 'Poly [ADP-ribose] polymerase 14'
2 non-polymer 7,8-dimethyl-2-(pyrimidin-2-ylsulfanylmethyl)-3~{H}-quinazolin-4-one
3 non-polymer 'NITRATE ION'
4 water water
#
_entity_poly.entity_id   1
_entity_poly.type   'polypeptide(L)'
_entity_poly.pdbx_seq_one_letter_code
;SMDMKQQNFCVVELLPSDPEYNTVASKFNQTCSHFRIEKIERIQNPDLWNSYQAKKKTMDAKNGQTMNEKQLFHGTDAGS
VPHVNRNGFNRSYAGKNAVAYGKGTYFAVNANYSANDTYSRPDANGRKHVYYVRVLTGIYTHGNHSLIVPPSKNPQNPTD
LYDTVTDNVHHPSLFVAFYDYQAYPEYLITFRK
;
_entity_poly.pdbx_strand_id   A,B,C,D
#
loop_
_chem_comp.id
_chem_comp.type
_chem_comp.name
_chem_comp.formula
EBB non-polymer 7,8-dimethyl-2-(pyrimidin-2-ylsulfanylmethyl)-3~{H}-quinazolin-4-one 'C15 H14 N4 O S'
NO3 non-polymer 'NITRATE ION' 'N O3 -1'
#
# COMPACT_ATOMS: atom_id res chain seq x y z
N LYS A 5 21.48 20.54 -11.25
CA LYS A 5 21.88 19.22 -11.77
C LYS A 5 20.75 18.20 -11.60
N GLN A 6 20.40 17.54 -12.70
CA GLN A 6 19.29 16.57 -12.83
C GLN A 6 19.41 15.32 -11.94
N GLN A 7 20.65 14.82 -11.73
CA GLN A 7 20.96 13.61 -10.97
C GLN A 7 20.30 12.37 -11.64
N ASN A 8 20.46 12.26 -12.97
CA ASN A 8 19.99 11.13 -13.76
C ASN A 8 20.78 9.89 -13.33
N PHE A 9 20.20 8.71 -13.50
CA PHE A 9 20.86 7.51 -13.00
C PHE A 9 20.64 6.31 -13.91
N CYS A 10 21.45 5.29 -13.70
CA CYS A 10 21.38 3.99 -14.38
C CYS A 10 21.37 2.91 -13.31
N VAL A 11 20.81 1.76 -13.64
CA VAL A 11 20.74 0.67 -12.67
C VAL A 11 21.39 -0.51 -13.36
N VAL A 12 22.43 -1.08 -12.72
CA VAL A 12 23.23 -2.17 -13.29
C VAL A 12 23.18 -3.42 -12.40
N GLU A 13 22.81 -4.55 -12.97
CA GLU A 13 22.72 -5.81 -12.24
C GLU A 13 24.11 -6.43 -12.03
N LEU A 14 24.39 -6.91 -10.81
CA LEU A 14 25.65 -7.60 -10.52
C LEU A 14 25.48 -9.12 -10.67
N LEU A 15 26.42 -9.74 -11.37
CA LEU A 15 26.48 -11.19 -11.57
C LEU A 15 27.08 -11.86 -10.32
N PRO A 16 26.59 -13.05 -9.89
CA PRO A 16 27.16 -13.69 -8.68
C PRO A 16 28.67 -13.96 -8.78
N SER A 17 29.20 -14.11 -10.02
CA SER A 17 30.61 -14.34 -10.32
C SER A 17 31.52 -13.14 -9.97
N ASP A 18 30.95 -11.92 -9.93
CA ASP A 18 31.67 -10.67 -9.62
C ASP A 18 32.10 -10.65 -8.11
N PRO A 19 33.39 -10.32 -7.80
CA PRO A 19 33.83 -10.26 -6.38
C PRO A 19 33.04 -9.25 -5.52
N GLU A 20 32.50 -8.19 -6.16
CA GLU A 20 31.67 -7.16 -5.51
C GLU A 20 30.38 -7.76 -4.97
N TYR A 21 29.77 -8.71 -5.72
CA TYR A 21 28.54 -9.41 -5.34
C TYR A 21 28.79 -10.20 -4.05
N ASN A 22 29.88 -10.99 -3.98
CA ASN A 22 30.24 -11.82 -2.83
C ASN A 22 30.54 -10.98 -1.59
N THR A 23 31.16 -9.80 -1.76
CA THR A 23 31.45 -8.86 -0.67
C THR A 23 30.13 -8.34 -0.04
N VAL A 24 29.16 -7.94 -0.87
CA VAL A 24 27.86 -7.39 -0.45
C VAL A 24 27.01 -8.49 0.22
N ALA A 25 26.88 -9.64 -0.46
CA ALA A 25 26.12 -10.81 0.00
C ALA A 25 26.65 -11.34 1.35
N SER A 26 27.98 -11.44 1.53
CA SER A 26 28.61 -11.93 2.76
C SER A 26 28.27 -11.03 3.95
N LYS A 27 28.30 -9.70 3.74
CA LYS A 27 27.97 -8.73 4.79
C LYS A 27 26.49 -8.85 5.16
N PHE A 28 25.59 -8.97 4.16
CA PHE A 28 24.14 -9.13 4.34
C PHE A 28 23.84 -10.43 5.10
N ASN A 29 24.53 -11.53 4.71
CA ASN A 29 24.34 -12.87 5.27
C ASN A 29 24.88 -13.06 6.68
N GLN A 30 25.60 -12.08 7.26
CA GLN A 30 26.10 -12.19 8.63
C GLN A 30 24.93 -12.24 9.63
N THR A 31 23.77 -11.61 9.28
CA THR A 31 22.59 -11.55 10.13
C THR A 31 21.30 -11.99 9.40
N CYS A 32 21.33 -12.06 8.04
CA CYS A 32 20.16 -12.42 7.22
C CYS A 32 20.39 -13.66 6.34
N SER A 33 21.26 -14.61 6.76
CA SER A 33 21.56 -15.85 6.00
C SER A 33 20.34 -16.78 5.83
N HIS A 34 19.25 -16.55 6.59
CA HIS A 34 17.96 -17.28 6.52
C HIS A 34 17.02 -16.75 5.38
N PHE A 35 17.37 -15.61 4.75
CA PHE A 35 16.64 -15.04 3.59
C PHE A 35 17.30 -15.44 2.29
N ARG A 36 16.59 -15.38 1.15
CA ARG A 36 17.26 -15.70 -0.12
C ARG A 36 17.38 -14.46 -1.03
N ILE A 37 18.63 -14.14 -1.42
CA ILE A 37 18.97 -13.01 -2.28
C ILE A 37 18.57 -13.36 -3.72
N GLU A 38 17.70 -12.53 -4.31
CA GLU A 38 17.22 -12.66 -5.70
C GLU A 38 18.21 -11.96 -6.64
N LYS A 39 18.64 -10.73 -6.28
CA LYS A 39 19.60 -9.93 -7.06
C LYS A 39 20.24 -8.82 -6.22
N ILE A 40 21.40 -8.34 -6.68
CA ILE A 40 22.13 -7.20 -6.14
C ILE A 40 22.40 -6.28 -7.35
N GLU A 41 21.99 -5.01 -7.24
CA GLU A 41 22.16 -3.99 -8.29
C GLU A 41 23.03 -2.85 -7.81
N ARG A 42 23.84 -2.30 -8.70
CA ARG A 42 24.65 -1.12 -8.41
C ARG A 42 23.92 0.11 -8.96
N ILE A 43 23.83 1.17 -8.15
CA ILE A 43 23.21 2.44 -8.54
C ILE A 43 24.31 3.43 -8.95
N GLN A 44 24.26 3.87 -10.22
CA GLN A 44 25.19 4.79 -10.86
C GLN A 44 24.54 6.16 -11.10
N ASN A 45 24.73 7.08 -10.13
CA ASN A 45 24.20 8.44 -10.22
C ASN A 45 25.40 9.44 -10.15
N PRO A 46 25.90 9.92 -11.32
CA PRO A 46 27.11 10.78 -11.32
C PRO A 46 27.03 12.06 -10.49
N ASP A 47 25.90 12.79 -10.55
CA ASP A 47 25.77 14.04 -9.80
C ASP A 47 25.70 13.79 -8.28
N LEU A 48 25.03 12.70 -7.86
CA LEU A 48 24.87 12.33 -6.45
C LEU A 48 26.20 11.85 -5.89
N TRP A 49 26.98 11.13 -6.71
CA TRP A 49 28.30 10.61 -6.36
C TRP A 49 29.28 11.78 -6.14
N ASN A 50 29.23 12.79 -7.04
CA ASN A 50 30.10 13.97 -6.99
C ASN A 50 29.83 14.84 -5.74
N SER A 51 28.55 15.05 -5.39
CA SER A 51 28.16 15.84 -4.21
C SER A 51 28.55 15.11 -2.91
N TYR A 52 28.48 13.76 -2.92
CA TYR A 52 28.85 12.90 -1.80
C TYR A 52 30.39 12.96 -1.57
N GLN A 53 31.17 12.83 -2.64
CA GLN A 53 32.63 12.85 -2.60
C GLN A 53 33.16 14.22 -2.15
N ALA A 54 32.45 15.32 -2.51
CA ALA A 54 32.80 16.69 -2.10
C ALA A 54 32.62 16.84 -0.58
N LYS A 55 31.52 16.30 -0.01
CA LYS A 55 31.26 16.34 1.44
C LYS A 55 32.32 15.49 2.19
N LYS A 56 32.74 14.36 1.59
CA LYS A 56 33.75 13.45 2.16
C LYS A 56 35.12 14.17 2.24
N LYS A 57 35.48 14.95 1.20
CA LYS A 57 36.74 15.69 1.12
C LYS A 57 36.81 16.75 2.26
N THR A 58 35.69 17.45 2.54
CA THR A 58 35.57 18.47 3.59
C THR A 58 35.70 17.80 4.98
N MET A 59 35.05 16.64 5.16
CA MET A 59 35.07 15.91 6.41
C MET A 59 36.47 15.31 6.69
N ASP A 60 37.15 14.78 5.65
CA ASP A 60 38.50 14.22 5.79
C ASP A 60 39.53 15.30 6.15
N ALA A 61 39.32 16.54 5.68
CA ALA A 61 40.22 17.66 5.96
C ALA A 61 40.08 18.23 7.39
N LYS A 62 39.06 17.82 8.19
CA LYS A 62 38.92 18.38 9.53
C LYS A 62 38.91 17.34 10.68
N ASN A 63 38.69 16.03 10.42
CA ASN A 63 38.53 15.05 11.48
C ASN A 63 39.77 14.17 11.82
N GLY A 64 40.95 14.56 11.34
CA GLY A 64 42.19 13.85 11.63
C GLY A 64 42.20 12.38 11.21
N GLN A 65 42.54 11.48 12.14
CA GLN A 65 42.66 10.02 11.93
C GLN A 65 41.32 9.30 11.81
N THR A 66 40.19 9.99 12.11
CA THR A 66 38.85 9.38 12.04
C THR A 66 38.56 8.78 10.67
N MET A 67 38.06 7.54 10.66
CA MET A 67 37.58 6.87 9.43
C MET A 67 36.12 7.32 9.32
N ASN A 68 35.91 8.37 8.55
CA ASN A 68 34.64 9.09 8.40
C ASN A 68 33.52 8.34 7.69
N GLU A 69 33.84 7.28 6.94
CA GLU A 69 32.84 6.53 6.17
C GLU A 69 32.60 5.13 6.72
N LYS A 70 31.32 4.73 6.72
CA LYS A 70 30.87 3.37 7.09
C LYS A 70 29.91 2.86 6.00
N GLN A 71 29.79 1.55 5.86
CA GLN A 71 28.84 0.92 4.96
C GLN A 71 27.74 0.32 5.83
N LEU A 72 26.53 0.89 5.73
CA LEU A 72 25.38 0.54 6.58
C LEU A 72 24.17 0.11 5.75
N PHE A 73 23.13 -0.42 6.41
CA PHE A 73 21.92 -0.90 5.74
C PHE A 73 20.72 0.01 5.94
N HIS A 74 19.84 0.04 4.93
CA HIS A 74 18.61 0.82 4.98
C HIS A 74 17.52 0.11 4.18
N GLY A 75 16.50 -0.38 4.89
CA GLY A 75 15.34 -0.99 4.27
C GLY A 75 14.34 0.07 3.88
N THR A 76 13.61 -0.14 2.77
CA THR A 76 12.58 0.78 2.32
C THR A 76 11.52 0.00 1.53
N ASP A 77 10.37 0.63 1.24
CA ASP A 77 9.32 -0.04 0.45
C ASP A 77 9.70 0.10 -1.04
N ALA A 78 9.14 -0.77 -1.92
CA ALA A 78 9.41 -0.78 -3.36
C ALA A 78 9.12 0.58 -4.03
N GLY A 79 8.07 1.27 -3.58
CA GLY A 79 7.68 2.57 -4.12
C GLY A 79 8.68 3.71 -3.97
N SER A 80 9.57 3.64 -2.94
CA SER A 80 10.60 4.64 -2.64
C SER A 80 11.91 4.44 -3.44
N VAL A 81 12.12 3.23 -4.00
CA VAL A 81 13.33 2.85 -4.77
C VAL A 81 13.62 3.93 -5.89
N PRO A 82 12.67 4.36 -6.75
CA PRO A 82 13.00 5.40 -7.75
C PRO A 82 13.38 6.76 -7.13
N HIS A 83 12.75 7.15 -6.01
CA HIS A 83 13.09 8.41 -5.30
C HIS A 83 14.54 8.38 -4.72
N VAL A 84 14.94 7.26 -4.09
CA VAL A 84 16.28 7.10 -3.49
C VAL A 84 17.35 7.07 -4.59
N ASN A 85 17.13 6.34 -5.71
CA ASN A 85 18.10 6.22 -6.81
C ASN A 85 18.42 7.60 -7.44
N ARG A 86 17.45 8.52 -7.43
CA ARG A 86 17.62 9.86 -7.96
C ARG A 86 18.17 10.85 -6.94
N ASN A 87 17.54 10.93 -5.75
CA ASN A 87 17.83 11.98 -4.77
C ASN A 87 18.60 11.56 -3.53
N GLY A 88 18.72 10.27 -3.31
CA GLY A 88 19.34 9.74 -2.10
C GLY A 88 18.35 9.86 -0.96
N PHE A 89 18.87 10.08 0.24
CA PHE A 89 18.06 10.22 1.46
C PHE A 89 18.05 11.69 1.89
N ASN A 90 17.24 12.49 1.17
CA ASN A 90 17.08 13.94 1.33
C ASN A 90 15.86 14.26 2.23
N ARG A 91 15.49 15.55 2.33
CA ARG A 91 14.37 16.05 3.15
C ARG A 91 12.99 15.54 2.69
N SER A 92 12.84 15.35 1.36
CA SER A 92 11.59 14.89 0.75
C SER A 92 11.40 13.36 0.91
N TYR A 93 12.43 12.62 1.41
CA TYR A 93 12.37 11.17 1.62
C TYR A 93 11.31 10.79 2.68
N ALA A 94 10.36 9.91 2.27
CA ALA A 94 9.23 9.39 3.06
C ALA A 94 9.65 8.61 4.32
N GLY A 95 10.85 8.00 4.28
CA GLY A 95 11.39 7.27 5.41
C GLY A 95 12.12 8.11 6.43
N LYS A 96 11.99 9.48 6.37
CA LYS A 96 12.59 10.35 7.37
C LYS A 96 11.74 10.18 8.61
N ASN A 97 12.39 9.66 9.66
CA ASN A 97 11.75 9.33 10.92
C ASN A 97 12.13 10.29 12.03
N ALA A 98 11.13 10.71 12.79
CA ALA A 98 11.26 11.52 13.99
C ALA A 98 11.03 10.59 15.19
N VAL A 99 12.06 9.79 15.52
CA VAL A 99 11.93 8.84 16.61
C VAL A 99 12.98 9.15 17.71
N ALA A 100 13.32 8.16 18.55
CA ALA A 100 14.16 8.24 19.76
C ALA A 100 15.46 9.06 19.66
N TYR A 101 16.15 9.06 18.50
CA TYR A 101 17.46 9.71 18.40
C TYR A 101 17.51 10.95 17.46
N GLY A 102 16.34 11.44 17.04
CA GLY A 102 16.24 12.62 16.19
C GLY A 102 15.44 12.41 14.92
N LYS A 103 15.16 13.52 14.21
CA LYS A 103 14.42 13.58 12.95
C LYS A 103 15.44 13.59 11.78
N GLY A 104 15.60 12.44 11.13
CA GLY A 104 16.50 12.26 10.01
C GLY A 104 16.37 10.88 9.40
N THR A 105 17.37 10.44 8.66
CA THR A 105 17.35 9.10 8.06
C THR A 105 18.21 8.17 8.91
N TYR A 106 17.62 7.00 9.26
CA TYR A 106 18.20 5.96 10.09
C TYR A 106 18.87 4.86 9.27
N PHE A 107 20.10 4.49 9.68
CA PHE A 107 20.92 3.46 9.04
C PHE A 107 21.38 2.43 10.06
N ALA A 108 21.32 1.13 9.73
CA ALA A 108 21.67 0.05 10.67
C ALA A 108 23.02 -0.60 10.38
N VAL A 109 23.76 -0.91 11.44
CA VAL A 109 25.03 -1.61 11.35
C VAL A 109 24.75 -3.05 10.78
N ASN A 110 23.66 -3.74 11.29
CA ASN A 110 23.29 -5.11 10.89
C ASN A 110 22.06 -5.11 10.01
N ALA A 111 22.07 -5.93 8.93
CA ALA A 111 20.99 -6.02 7.96
C ALA A 111 19.66 -6.49 8.57
N ASN A 112 19.68 -7.37 9.62
CA ASN A 112 18.46 -7.92 10.28
C ASN A 112 17.54 -6.81 10.81
N TYR A 113 18.10 -5.66 11.25
CA TYR A 113 17.31 -4.51 11.72
C TYR A 113 16.47 -3.93 10.54
N SER A 114 17.13 -3.71 9.39
CA SER A 114 16.56 -3.17 8.16
C SER A 114 15.62 -4.17 7.47
N ALA A 115 15.84 -5.50 7.69
CA ALA A 115 15.09 -6.60 7.10
C ALA A 115 13.68 -6.79 7.71
N ASN A 116 13.35 -6.03 8.76
CA ASN A 116 12.02 -6.03 9.38
C ASN A 116 10.97 -5.56 8.36
N ASP A 117 9.79 -6.21 8.30
CA ASP A 117 8.71 -5.88 7.33
C ASP A 117 8.19 -4.44 7.46
N THR A 118 8.37 -3.81 8.64
CA THR A 118 7.98 -2.40 8.88
C THR A 118 8.86 -1.47 8.05
N TYR A 119 10.15 -1.82 7.87
CA TYR A 119 11.12 -1.02 7.14
C TYR A 119 11.22 -1.53 5.69
N SER A 120 11.50 -2.82 5.46
CA SER A 120 11.55 -3.35 4.09
C SER A 120 10.23 -4.12 3.79
N ARG A 121 9.18 -3.35 3.59
CA ARG A 121 7.82 -3.80 3.29
C ARG A 121 7.79 -4.72 2.06
N PRO A 122 7.28 -5.98 2.18
CA PRO A 122 7.22 -6.87 1.01
C PRO A 122 6.23 -6.34 -0.05
N ASP A 123 6.63 -6.33 -1.32
CA ASP A 123 5.78 -5.86 -2.41
C ASP A 123 4.73 -6.95 -2.79
N ALA A 124 3.95 -6.70 -3.89
CA ALA A 124 2.89 -7.57 -4.41
C ALA A 124 3.41 -8.99 -4.74
N ASN A 125 4.69 -9.10 -5.18
CA ASN A 125 5.37 -10.34 -5.54
C ASN A 125 6.12 -10.98 -4.33
N GLY A 126 6.10 -10.32 -3.17
CA GLY A 126 6.77 -10.79 -1.96
C GLY A 126 8.23 -10.40 -1.85
N ARG A 127 8.71 -9.50 -2.74
CA ARG A 127 10.11 -9.05 -2.72
C ARG A 127 10.32 -7.89 -1.73
N LYS A 128 11.44 -7.95 -0.98
CA LYS A 128 11.87 -6.98 0.02
C LYS A 128 13.11 -6.25 -0.49
N HIS A 129 13.29 -4.98 -0.09
CA HIS A 129 14.37 -4.12 -0.59
C HIS A 129 15.16 -3.44 0.53
N VAL A 130 16.48 -3.72 0.56
CA VAL A 130 17.44 -3.15 1.51
C VAL A 130 18.67 -2.61 0.73
N TYR A 131 19.01 -1.32 0.94
CA TYR A 131 20.20 -0.71 0.36
C TYR A 131 21.43 -0.94 1.25
N TYR A 132 22.62 -1.07 0.62
CA TYR A 132 23.92 -1.17 1.30
C TYR A 132 24.58 0.17 0.96
N VAL A 133 24.48 1.13 1.91
CA VAL A 133 24.80 2.57 1.78
C VAL A 133 26.18 2.99 2.31
N ARG A 134 26.86 3.89 1.58
CA ARG A 134 28.09 4.57 2.01
C ARG A 134 27.64 5.78 2.85
N VAL A 135 27.92 5.80 4.18
CA VAL A 135 27.45 6.88 5.06
C VAL A 135 28.63 7.60 5.72
N LEU A 136 28.61 8.96 5.70
CA LEU A 136 29.63 9.79 6.34
C LEU A 136 29.24 10.03 7.80
N THR A 137 29.57 9.05 8.65
CA THR A 137 29.26 9.07 10.09
C THR A 137 30.15 10.09 10.87
N GLY A 138 31.39 10.30 10.41
CA GLY A 138 32.35 11.22 11.01
C GLY A 138 32.54 11.02 12.50
N ILE A 139 32.46 12.12 13.28
CA ILE A 139 32.49 12.15 14.74
C ILE A 139 31.02 12.22 15.20
N TYR A 140 30.59 11.24 16.02
CA TYR A 140 29.21 11.13 16.46
C TYR A 140 29.05 11.09 17.97
N THR A 141 27.84 11.44 18.45
CA THR A 141 27.49 11.44 19.87
C THR A 141 26.14 10.71 20.07
N HIS A 142 25.66 10.62 21.31
CA HIS A 142 24.37 10.04 21.64
C HIS A 142 23.25 10.98 21.15
N GLY A 143 22.23 10.41 20.51
CA GLY A 143 21.08 11.20 20.03
C GLY A 143 19.94 11.34 21.01
N ASN A 144 19.00 12.27 20.72
CA ASN A 144 17.78 12.51 21.48
C ASN A 144 16.66 12.91 20.51
N HIS A 145 15.39 12.72 20.90
CA HIS A 145 14.18 12.94 20.07
C HIS A 145 14.00 14.38 19.53
N SER A 146 14.51 15.39 20.24
CA SER A 146 14.34 16.81 19.86
C SER A 146 15.21 17.27 18.66
N LEU A 147 16.21 16.45 18.25
CA LEU A 147 17.17 16.84 17.21
C LEU A 147 16.60 16.88 15.79
N ILE A 148 16.93 17.98 15.08
CA ILE A 148 16.61 18.18 13.65
C ILE A 148 17.94 18.39 12.90
N VAL A 149 19.00 18.65 13.68
CA VAL A 149 20.41 18.78 13.24
C VAL A 149 21.27 18.20 14.36
N PRO A 150 22.55 17.79 14.10
CA PRO A 150 23.36 17.25 15.21
C PRO A 150 23.70 18.31 16.27
N PRO A 151 23.97 17.89 17.55
CA PRO A 151 24.31 18.90 18.57
C PRO A 151 25.68 19.51 18.35
N SER A 152 25.93 20.67 18.97
CA SER A 152 27.22 21.35 18.93
C SER A 152 28.21 20.57 19.81
N LYS A 153 29.45 20.36 19.32
CA LYS A 153 30.51 19.62 20.05
C LYS A 153 30.95 20.40 21.29
N ASN A 154 31.18 21.73 21.15
CA ASN A 154 31.60 22.62 22.24
C ASN A 154 30.51 23.68 22.55
N PRO A 155 30.13 23.91 23.85
CA PRO A 155 29.10 24.92 24.15
C PRO A 155 29.58 26.35 23.88
N GLN A 156 30.92 26.57 23.86
CA GLN A 156 31.54 27.87 23.58
C GLN A 156 31.40 28.22 22.09
N ASN A 157 31.49 27.19 21.20
CA ASN A 157 31.38 27.29 19.76
C ASN A 157 30.11 26.54 19.28
N PRO A 158 28.91 27.18 19.30
CA PRO A 158 27.69 26.47 18.86
C PRO A 158 27.60 26.26 17.33
N THR A 159 28.68 26.60 16.60
CA THR A 159 28.81 26.51 15.14
C THR A 159 29.37 25.13 14.75
N ASP A 160 30.41 24.61 15.46
CA ASP A 160 30.98 23.29 15.15
C ASP A 160 30.12 22.16 15.76
N LEU A 161 29.51 21.34 14.89
CA LEU A 161 28.62 20.28 15.33
C LEU A 161 29.18 18.89 15.07
N TYR A 162 28.57 17.87 15.70
CA TYR A 162 28.86 16.47 15.42
C TYR A 162 28.39 16.17 13.97
N ASP A 163 28.92 15.10 13.34
CA ASP A 163 28.58 14.78 11.95
C ASP A 163 27.26 13.99 11.87
N THR A 164 27.07 13.02 12.78
CA THR A 164 25.85 12.19 12.94
C THR A 164 25.61 11.98 14.45
N VAL A 165 24.53 11.22 14.79
CA VAL A 165 24.22 10.79 16.16
C VAL A 165 23.98 9.26 16.13
N THR A 166 24.13 8.60 17.28
CA THR A 166 23.94 7.16 17.40
C THR A 166 23.09 6.81 18.65
N ASP A 167 22.72 5.53 18.77
CA ASP A 167 21.99 4.98 19.93
C ASP A 167 22.94 4.69 21.13
N ASN A 168 24.21 4.36 20.83
CA ASN A 168 25.25 3.97 21.78
C ASN A 168 26.63 4.29 21.15
N VAL A 169 27.34 5.30 21.69
CA VAL A 169 28.63 5.79 21.19
C VAL A 169 29.74 4.69 21.15
N HIS A 170 29.85 3.83 22.17
CA HIS A 170 30.94 2.85 22.13
C HIS A 170 30.54 1.50 21.49
N HIS A 171 29.22 1.18 21.44
CA HIS A 171 28.78 -0.06 20.76
C HIS A 171 27.53 0.25 19.89
N PRO A 172 27.72 1.01 18.78
CA PRO A 172 26.56 1.43 17.98
C PRO A 172 25.86 0.33 17.21
N SER A 173 24.56 0.50 17.06
CA SER A 173 23.75 -0.40 16.23
C SER A 173 22.99 0.44 15.17
N LEU A 174 22.83 1.76 15.40
CA LEU A 174 22.15 2.70 14.49
C LEU A 174 22.87 4.02 14.36
N PHE A 175 22.69 4.69 13.21
CA PHE A 175 23.20 6.05 12.99
C PHE A 175 22.10 6.89 12.34
N VAL A 176 22.03 8.21 12.68
CA VAL A 176 21.04 9.14 12.09
C VAL A 176 21.80 10.24 11.33
N ALA A 177 21.51 10.36 10.02
CA ALA A 177 22.06 11.39 9.12
C ALA A 177 21.03 12.48 8.89
N PHE A 178 21.45 13.76 8.99
CA PHE A 178 20.51 14.91 8.92
C PHE A 178 20.63 15.71 7.62
N TYR A 179 21.74 15.54 6.87
CA TYR A 179 21.96 16.33 5.68
C TYR A 179 21.93 15.55 4.38
N ASP A 180 21.62 16.26 3.31
CA ASP A 180 21.65 15.79 1.94
C ASP A 180 23.12 15.52 1.56
N TYR A 181 23.36 14.48 0.74
CA TYR A 181 24.70 14.13 0.27
C TYR A 181 25.62 13.58 1.41
N GLN A 182 25.02 13.15 2.53
CA GLN A 182 25.79 12.54 3.60
C GLN A 182 25.81 10.98 3.43
N ALA A 183 24.97 10.46 2.51
CA ALA A 183 24.86 9.03 2.22
C ALA A 183 24.69 8.78 0.73
N TYR A 184 25.35 7.72 0.21
CA TYR A 184 25.23 7.31 -1.19
C TYR A 184 24.63 5.87 -1.28
N PRO A 185 23.48 5.69 -1.98
CA PRO A 185 22.88 4.34 -2.08
C PRO A 185 23.58 3.48 -3.14
N GLU A 186 24.78 3.00 -2.85
CA GLU A 186 25.61 2.26 -3.81
C GLU A 186 24.99 0.94 -4.34
N TYR A 187 24.51 0.08 -3.42
CA TYR A 187 23.95 -1.22 -3.82
C TYR A 187 22.53 -1.40 -3.34
N LEU A 188 21.69 -2.03 -4.17
CA LEU A 188 20.31 -2.38 -3.82
C LEU A 188 20.18 -3.91 -3.80
N ILE A 189 19.77 -4.48 -2.65
CA ILE A 189 19.58 -5.91 -2.45
C ILE A 189 18.10 -6.21 -2.48
N THR A 190 17.69 -7.11 -3.40
CA THR A 190 16.31 -7.60 -3.54
C THR A 190 16.33 -9.06 -3.01
N PHE A 191 15.43 -9.35 -2.07
CA PHE A 191 15.40 -10.67 -1.43
C PHE A 191 13.97 -11.05 -0.97
N ARG A 192 13.80 -12.29 -0.49
CA ARG A 192 12.51 -12.77 0.01
C ARG A 192 12.67 -13.72 1.18
N LYS A 193 11.55 -13.96 1.90
CA LYS A 193 11.45 -14.85 3.05
C LYS A 193 11.46 -16.31 2.59
N LYS B 5 19.46 -11.68 -21.66
CA LYS B 5 19.85 -10.28 -21.60
C LYS B 5 19.31 -9.62 -20.32
N GLN B 6 20.18 -8.87 -19.62
CA GLN B 6 19.95 -8.22 -18.32
C GLN B 6 18.82 -7.18 -18.32
N GLN B 7 18.66 -6.42 -19.42
CA GLN B 7 17.67 -5.34 -19.59
C GLN B 7 17.92 -4.23 -18.50
N ASN B 8 19.21 -3.81 -18.36
CA ASN B 8 19.61 -2.74 -17.47
C ASN B 8 19.04 -1.44 -18.03
N PHE B 9 18.82 -0.43 -17.19
CA PHE B 9 18.15 0.76 -17.68
C PHE B 9 18.68 2.04 -17.07
N CYS B 10 18.37 3.18 -17.73
CA CYS B 10 18.67 4.56 -17.39
C CYS B 10 17.38 5.33 -17.35
N VAL B 11 17.28 6.30 -16.42
CA VAL B 11 16.09 7.16 -16.25
C VAL B 11 16.60 8.61 -16.40
N VAL B 12 16.08 9.34 -17.41
CA VAL B 12 16.48 10.71 -17.75
C VAL B 12 15.30 11.64 -17.54
N GLU B 13 15.39 12.55 -16.54
CA GLU B 13 14.33 13.51 -16.26
C GLU B 13 14.29 14.60 -17.37
N LEU B 14 13.10 14.82 -17.97
CA LEU B 14 12.96 15.84 -19.00
C LEU B 14 12.78 17.25 -18.39
N LEU B 15 13.51 18.25 -18.92
CA LEU B 15 13.36 19.62 -18.44
C LEU B 15 12.04 20.23 -19.00
N PRO B 16 11.32 21.09 -18.24
CA PRO B 16 10.04 21.65 -18.73
C PRO B 16 10.12 22.48 -20.02
N SER B 17 11.33 22.89 -20.44
CA SER B 17 11.57 23.69 -21.65
C SER B 17 11.72 22.83 -22.90
N ASP B 18 12.04 21.52 -22.72
CA ASP B 18 12.25 20.52 -23.78
C ASP B 18 10.99 20.33 -24.67
N PRO B 19 11.12 20.24 -26.02
CA PRO B 19 9.91 20.03 -26.84
C PRO B 19 9.19 18.69 -26.54
N GLU B 20 9.95 17.64 -26.16
CA GLU B 20 9.41 16.32 -25.80
C GLU B 20 8.53 16.39 -24.58
N TYR B 21 8.91 17.24 -23.58
CA TYR B 21 8.17 17.46 -22.34
C TYR B 21 6.79 18.02 -22.66
N ASN B 22 6.75 19.08 -23.49
CA ASN B 22 5.52 19.78 -23.87
C ASN B 22 4.59 18.87 -24.68
N THR B 23 5.14 17.98 -25.53
CA THR B 23 4.37 17.01 -26.32
C THR B 23 3.65 16.02 -25.38
N VAL B 24 4.36 15.49 -24.37
CA VAL B 24 3.83 14.50 -23.42
C VAL B 24 2.77 15.17 -22.50
N ALA B 25 3.12 16.32 -21.90
CA ALA B 25 2.28 17.11 -21.01
C ALA B 25 0.98 17.58 -21.70
N SER B 26 1.05 18.03 -22.97
CA SER B 26 -0.14 18.49 -23.73
C SER B 26 -1.12 17.36 -23.93
N LYS B 27 -0.63 16.15 -24.23
CA LYS B 27 -1.47 14.98 -24.44
C LYS B 27 -2.15 14.58 -23.12
N PHE B 28 -1.39 14.58 -22.01
CA PHE B 28 -1.87 14.28 -20.66
C PHE B 28 -2.93 15.29 -20.23
N ASN B 29 -2.68 16.58 -20.49
CA ASN B 29 -3.53 17.71 -20.10
C ASN B 29 -4.83 17.83 -20.90
N GLN B 30 -5.03 17.04 -21.96
CA GLN B 30 -6.28 17.07 -22.75
C GLN B 30 -7.46 16.62 -21.90
N THR B 31 -7.21 15.67 -20.95
CA THR B 31 -8.24 15.14 -20.04
C THR B 31 -7.84 15.24 -18.54
N CYS B 32 -6.55 15.57 -18.21
CA CYS B 32 -6.06 15.66 -16.83
C CYS B 32 -5.49 17.05 -16.41
N SER B 33 -5.96 18.17 -17.02
CA SER B 33 -5.47 19.52 -16.70
C SER B 33 -5.67 19.95 -15.23
N HIS B 34 -6.66 19.36 -14.51
CA HIS B 34 -6.92 19.67 -13.10
C HIS B 34 -5.87 19.06 -12.15
N PHE B 35 -4.99 18.15 -12.64
CA PHE B 35 -3.87 17.55 -11.88
C PHE B 35 -2.61 18.40 -12.10
N ARG B 36 -1.63 18.32 -11.20
CA ARG B 36 -0.37 19.03 -11.41
C ARG B 36 0.77 18.07 -11.62
N ILE B 37 1.47 18.23 -12.76
CA ILE B 37 2.62 17.41 -13.17
C ILE B 37 3.84 17.83 -12.33
N GLU B 38 4.42 16.88 -11.58
CA GLU B 38 5.61 17.07 -10.76
C GLU B 38 6.87 16.88 -11.61
N LYS B 39 6.89 15.80 -12.44
CA LYS B 39 8.00 15.50 -13.35
C LYS B 39 7.60 14.53 -14.45
N ILE B 40 8.36 14.56 -15.57
CA ILE B 40 8.23 13.64 -16.69
C ILE B 40 9.64 13.08 -16.95
N GLU B 41 9.76 11.73 -16.96
CA GLU B 41 11.02 11.03 -17.15
C GLU B 41 10.99 10.10 -18.35
N ARG B 42 12.12 9.96 -19.06
CA ARG B 42 12.29 9.05 -20.18
C ARG B 42 13.01 7.78 -19.72
N ILE B 43 12.43 6.60 -20.04
CA ILE B 43 12.98 5.30 -19.67
C ILE B 43 13.79 4.77 -20.86
N GLN B 44 15.07 4.56 -20.63
CA GLN B 44 16.03 4.11 -21.64
C GLN B 44 16.56 2.72 -21.27
N ASN B 45 15.93 1.67 -21.84
CA ASN B 45 16.23 0.26 -21.61
C ASN B 45 16.59 -0.37 -22.98
N PRO B 46 17.92 -0.49 -23.30
CA PRO B 46 18.33 -0.96 -24.64
C PRO B 46 17.81 -2.33 -25.05
N ASP B 47 17.80 -3.33 -24.16
CA ASP B 47 17.36 -4.69 -24.52
C ASP B 47 15.84 -4.73 -24.75
N LEU B 48 15.08 -3.99 -23.96
CA LEU B 48 13.62 -3.89 -24.06
C LEU B 48 13.22 -3.14 -25.35
N TRP B 49 13.97 -2.08 -25.70
CA TRP B 49 13.78 -1.28 -26.90
C TRP B 49 14.03 -2.12 -28.16
N ASN B 50 15.11 -2.94 -28.14
CA ASN B 50 15.50 -3.80 -29.25
C ASN B 50 14.47 -4.89 -29.54
N SER B 51 13.91 -5.53 -28.49
CA SER B 51 12.89 -6.56 -28.63
C SER B 51 11.56 -5.96 -29.17
N TYR B 52 11.26 -4.72 -28.76
CA TYR B 52 10.07 -3.97 -29.19
C TYR B 52 10.18 -3.60 -30.70
N GLN B 53 11.35 -3.07 -31.11
CA GLN B 53 11.63 -2.68 -32.51
C GLN B 53 11.62 -3.87 -33.45
N ALA B 54 12.07 -5.06 -32.97
CA ALA B 54 12.05 -6.30 -33.76
C ALA B 54 10.61 -6.74 -34.04
N LYS B 55 9.72 -6.64 -33.02
CA LYS B 55 8.30 -6.99 -33.19
C LYS B 55 7.61 -5.99 -34.14
N LYS B 56 8.01 -4.71 -34.09
CA LYS B 56 7.46 -3.64 -34.94
C LYS B 56 7.83 -3.90 -36.41
N LYS B 57 9.07 -4.34 -36.69
CA LYS B 57 9.57 -4.65 -38.03
C LYS B 57 8.74 -5.81 -38.67
N THR B 58 8.41 -6.85 -37.88
CA THR B 58 7.62 -8.01 -38.29
C THR B 58 6.17 -7.57 -38.59
N MET B 59 5.60 -6.71 -37.73
CA MET B 59 4.24 -6.21 -37.87
C MET B 59 4.12 -5.27 -39.09
N ASP B 60 5.12 -4.40 -39.32
CA ASP B 60 5.12 -3.49 -40.48
C ASP B 60 5.22 -4.27 -41.80
N ALA B 61 5.90 -5.41 -41.81
CA ALA B 61 6.08 -6.24 -43.01
C ALA B 61 4.81 -7.05 -43.38
N LYS B 62 3.80 -7.15 -42.50
CA LYS B 62 2.61 -7.94 -42.84
C LYS B 62 1.27 -7.15 -42.85
N ASN B 63 1.19 -5.94 -42.25
CA ASN B 63 -0.10 -5.24 -42.15
C ASN B 63 -0.37 -4.10 -43.17
N GLY B 64 0.41 -4.05 -44.26
CA GLY B 64 0.23 -3.06 -45.32
C GLY B 64 0.28 -1.61 -44.87
N GLN B 65 -0.76 -0.83 -45.22
CA GLN B 65 -0.87 0.61 -44.91
C GLN B 65 -1.17 0.91 -43.42
N THR B 66 -1.55 -0.10 -42.62
CA THR B 66 -1.87 0.09 -41.21
C THR B 66 -0.75 0.80 -40.43
N MET B 67 -1.14 1.81 -39.65
CA MET B 67 -0.27 2.52 -38.71
C MET B 67 -0.37 1.69 -37.43
N ASN B 68 0.60 0.75 -37.30
CA ASN B 68 0.64 -0.27 -36.27
C ASN B 68 0.89 0.22 -34.85
N GLU B 69 1.45 1.43 -34.68
CA GLU B 69 1.81 1.93 -33.36
C GLU B 69 0.92 3.09 -32.90
N LYS B 70 0.58 3.07 -31.60
CA LYS B 70 -0.18 4.12 -30.91
C LYS B 70 0.53 4.46 -29.60
N GLN B 71 0.34 5.68 -29.11
CA GLN B 71 0.86 6.13 -27.83
C GLN B 71 -0.33 6.22 -26.89
N LEU B 72 -0.33 5.34 -25.87
CA LEU B 72 -1.46 5.20 -24.94
C LEU B 72 -1.00 5.35 -23.49
N PHE B 73 -1.97 5.45 -22.54
CA PHE B 73 -1.67 5.66 -21.13
C PHE B 73 -1.86 4.38 -20.31
N HIS B 74 -1.05 4.24 -19.24
CA HIS B 74 -1.15 3.13 -18.32
C HIS B 74 -0.77 3.60 -16.92
N GLY B 75 -1.76 3.63 -16.03
CA GLY B 75 -1.55 3.97 -14.64
C GLY B 75 -1.13 2.74 -13.87
N THR B 76 -0.27 2.93 -12.85
CA THR B 76 0.21 1.81 -12.00
C THR B 76 0.54 2.35 -10.61
N ASP B 77 0.73 1.47 -9.64
CA ASP B 77 1.11 1.90 -8.29
C ASP B 77 2.62 2.17 -8.27
N ALA B 78 3.10 2.98 -7.30
CA ALA B 78 4.51 3.36 -7.14
C ALA B 78 5.46 2.13 -7.06
N GLY B 79 5.01 1.07 -6.40
CA GLY B 79 5.78 -0.16 -6.23
C GLY B 79 6.10 -0.94 -7.48
N SER B 80 5.31 -0.75 -8.56
CA SER B 80 5.48 -1.43 -9.85
C SER B 80 6.47 -0.71 -10.78
N VAL B 81 6.74 0.59 -10.53
CA VAL B 81 7.63 1.42 -11.37
C VAL B 81 9.03 0.72 -11.58
N PRO B 82 9.75 0.20 -10.54
CA PRO B 82 11.04 -0.47 -10.82
C PRO B 82 10.89 -1.75 -11.68
N HIS B 83 9.79 -2.51 -11.48
CA HIS B 83 9.50 -3.73 -12.25
C HIS B 83 9.25 -3.41 -13.76
N VAL B 84 8.47 -2.35 -14.06
CA VAL B 84 8.14 -1.95 -15.43
C VAL B 84 9.39 -1.42 -16.15
N ASN B 85 10.21 -0.58 -15.48
CA ASN B 85 11.43 0.00 -16.07
C ASN B 85 12.45 -1.09 -16.52
N ARG B 86 12.52 -2.20 -15.78
CA ARG B 86 13.40 -3.33 -16.09
C ARG B 86 12.76 -4.31 -17.12
N ASN B 87 11.52 -4.78 -16.86
CA ASN B 87 10.90 -5.86 -17.63
C ASN B 87 9.77 -5.47 -18.58
N GLY B 88 9.24 -4.27 -18.46
CA GLY B 88 8.05 -3.89 -19.21
C GLY B 88 6.82 -4.53 -18.57
N PHE B 89 5.79 -4.75 -19.39
CA PHE B 89 4.51 -5.33 -18.96
C PHE B 89 4.48 -6.83 -19.31
N ASN B 90 5.37 -7.62 -18.65
CA ASN B 90 5.56 -9.08 -18.85
C ASN B 90 4.56 -9.93 -18.03
N ARG B 91 4.70 -11.28 -18.08
CA ARG B 91 3.81 -12.25 -17.40
C ARG B 91 3.85 -12.17 -15.84
N SER B 92 4.93 -11.59 -15.29
CA SER B 92 5.12 -11.41 -13.85
C SER B 92 4.53 -10.05 -13.34
N TYR B 93 4.07 -9.15 -14.26
CA TYR B 93 3.50 -7.85 -13.90
C TYR B 93 2.16 -8.01 -13.14
N ALA B 94 2.09 -7.45 -11.90
CA ALA B 94 0.94 -7.44 -10.97
C ALA B 94 -0.33 -6.75 -11.54
N GLY B 95 -0.14 -5.79 -12.44
CA GLY B 95 -1.23 -5.04 -13.06
C GLY B 95 -1.90 -5.70 -14.26
N LYS B 96 -1.75 -7.02 -14.41
CA LYS B 96 -2.44 -7.74 -15.49
C LYS B 96 -3.89 -7.94 -15.03
N ASN B 97 -4.87 -7.74 -15.94
CA ASN B 97 -6.28 -7.84 -15.59
C ASN B 97 -7.06 -8.78 -16.49
N ALA B 98 -7.92 -9.60 -15.86
CA ALA B 98 -8.86 -10.50 -16.49
C ALA B 98 -10.24 -9.86 -16.36
N VAL B 99 -10.52 -8.84 -17.19
CA VAL B 99 -11.80 -8.15 -17.09
C VAL B 99 -12.59 -8.31 -18.45
N ALA B 100 -13.53 -7.37 -18.75
CA ALA B 100 -14.50 -7.40 -19.85
C ALA B 100 -13.97 -7.77 -21.25
N TYR B 101 -12.72 -7.38 -21.60
CA TYR B 101 -12.22 -7.58 -22.97
C TYR B 101 -11.04 -8.59 -23.08
N GLY B 102 -10.77 -9.34 -22.02
CA GLY B 102 -9.73 -10.36 -22.00
C GLY B 102 -8.73 -10.20 -20.86
N LYS B 103 -7.86 -11.21 -20.72
CA LYS B 103 -6.78 -11.30 -19.72
C LYS B 103 -5.45 -10.82 -20.36
N GLY B 104 -5.03 -9.60 -20.02
CA GLY B 104 -3.81 -9.00 -20.52
C GLY B 104 -3.57 -7.63 -19.89
N THR B 105 -2.76 -6.80 -20.54
CA THR B 105 -2.44 -5.46 -20.05
C THR B 105 -3.31 -4.45 -20.81
N TYR B 106 -4.03 -3.60 -20.05
CA TYR B 106 -4.97 -2.59 -20.53
C TYR B 106 -4.30 -1.22 -20.68
N PHE B 107 -4.55 -0.57 -21.83
CA PHE B 107 -4.00 0.74 -22.18
C PHE B 107 -5.13 1.66 -22.62
N ALA B 108 -5.13 2.92 -22.12
CA ALA B 108 -6.20 3.89 -22.41
C ALA B 108 -5.80 4.95 -23.45
N VAL B 109 -6.72 5.31 -24.32
CA VAL B 109 -6.53 6.38 -25.31
C VAL B 109 -6.39 7.71 -24.54
N ASN B 110 -7.21 7.90 -23.48
CA ASN B 110 -7.23 9.13 -22.66
C ASN B 110 -6.61 8.91 -21.27
N ALA B 111 -5.86 9.92 -20.79
CA ALA B 111 -5.17 9.83 -19.49
C ALA B 111 -6.14 9.78 -18.29
N ASN B 112 -7.34 10.40 -18.38
CA ASN B 112 -8.28 10.44 -17.25
C ASN B 112 -8.75 9.03 -16.84
N TYR B 113 -8.83 8.08 -17.77
CA TYR B 113 -9.16 6.69 -17.47
C TYR B 113 -8.07 6.06 -16.54
N SER B 114 -6.78 6.26 -16.89
CA SER B 114 -5.63 5.78 -16.14
C SER B 114 -5.40 6.59 -14.82
N ALA B 115 -5.79 7.91 -14.79
CA ALA B 115 -5.67 8.81 -13.64
C ALA B 115 -6.59 8.40 -12.45
N ASN B 116 -7.43 7.36 -12.63
CA ASN B 116 -8.32 6.80 -11.58
C ASN B 116 -7.43 6.20 -10.47
N ASP B 117 -7.76 6.46 -9.19
CA ASP B 117 -7.00 6.00 -8.03
C ASP B 117 -6.89 4.45 -7.94
N THR B 118 -7.80 3.70 -8.60
CA THR B 118 -7.75 2.23 -8.64
C THR B 118 -6.55 1.78 -9.49
N TYR B 119 -6.23 2.55 -10.55
CA TYR B 119 -5.14 2.24 -11.47
C TYR B 119 -3.87 2.99 -11.05
N SER B 120 -3.91 4.32 -10.91
CA SER B 120 -2.72 5.05 -10.46
C SER B 120 -2.89 5.42 -8.96
N ARG B 121 -2.72 4.40 -8.12
CA ARG B 121 -2.84 4.45 -6.67
C ARG B 121 -1.91 5.52 -6.07
N PRO B 122 -2.47 6.53 -5.33
CA PRO B 122 -1.60 7.55 -4.71
C PRO B 122 -0.72 6.93 -3.62
N ASP B 123 0.60 7.23 -3.66
CA ASP B 123 1.54 6.69 -2.68
C ASP B 123 1.40 7.46 -1.32
N ALA B 124 2.29 7.18 -0.35
CA ALA B 124 2.30 7.77 0.99
C ALA B 124 2.44 9.30 0.96
N ASN B 125 3.14 9.84 -0.08
CA ASN B 125 3.36 11.27 -0.31
C ASN B 125 2.25 11.93 -1.19
N GLY B 126 1.29 11.12 -1.65
CA GLY B 126 0.20 11.56 -2.50
C GLY B 126 0.52 11.62 -3.99
N ARG B 127 1.67 11.06 -4.41
CA ARG B 127 2.08 11.08 -5.82
C ARG B 127 1.45 9.89 -6.59
N LYS B 128 0.99 10.17 -7.82
CA LYS B 128 0.36 9.22 -8.74
C LYS B 128 1.27 9.00 -9.96
N HIS B 129 1.24 7.80 -10.55
CA HIS B 129 2.14 7.42 -11.65
C HIS B 129 1.39 6.85 -12.85
N VAL B 130 1.58 7.48 -14.04
CA VAL B 130 0.99 7.08 -15.32
C VAL B 130 2.09 7.09 -16.39
N TYR B 131 2.26 5.95 -17.09
CA TYR B 131 3.18 5.83 -18.20
C TYR B 131 2.51 6.27 -19.51
N TYR B 132 3.30 6.85 -20.44
CA TYR B 132 2.87 7.20 -21.80
C TYR B 132 3.64 6.21 -22.67
N VAL B 133 2.94 5.11 -23.05
CA VAL B 133 3.49 3.90 -23.69
C VAL B 133 3.35 3.81 -25.22
N ARG B 134 4.39 3.29 -25.90
CA ARG B 134 4.37 2.97 -27.33
C ARG B 134 3.78 1.56 -27.43
N VAL B 135 2.58 1.41 -28.05
CA VAL B 135 1.90 0.11 -28.13
C VAL B 135 1.67 -0.30 -29.60
N LEU B 136 1.99 -1.55 -29.92
CA LEU B 136 1.77 -2.12 -31.27
C LEU B 136 0.36 -2.70 -31.34
N THR B 137 -0.63 -1.80 -31.58
CA THR B 137 -2.05 -2.14 -31.67
C THR B 137 -2.39 -2.94 -32.96
N GLY B 138 -1.65 -2.69 -34.05
CA GLY B 138 -1.81 -3.37 -35.35
C GLY B 138 -3.25 -3.39 -35.85
N ILE B 139 -3.72 -4.59 -36.26
CA ILE B 139 -5.11 -4.84 -36.67
C ILE B 139 -5.83 -5.42 -35.44
N TYR B 140 -6.93 -4.76 -35.02
CA TYR B 140 -7.66 -5.13 -33.80
C TYR B 140 -9.15 -5.37 -34.05
N THR B 141 -9.77 -6.13 -33.15
CA THR B 141 -11.20 -6.48 -33.18
C THR B 141 -11.81 -6.23 -31.79
N HIS B 142 -13.13 -6.48 -31.63
CA HIS B 142 -13.84 -6.36 -30.37
C HIS B 142 -13.40 -7.50 -29.43
N GLY B 143 -13.13 -7.17 -28.16
CA GLY B 143 -12.72 -8.15 -27.16
C GLY B 143 -13.86 -8.77 -26.37
N ASN B 144 -13.56 -9.88 -25.67
CA ASN B 144 -14.50 -10.58 -24.78
C ASN B 144 -13.70 -11.15 -23.59
N HIS B 145 -14.38 -11.40 -22.45
CA HIS B 145 -13.78 -11.86 -21.18
C HIS B 145 -12.98 -13.18 -21.27
N SER B 146 -13.33 -14.10 -22.20
CA SER B 146 -12.69 -15.41 -22.31
C SER B 146 -11.29 -15.40 -22.96
N LEU B 147 -10.87 -14.26 -23.55
CA LEU B 147 -9.60 -14.16 -24.26
C LEU B 147 -8.35 -14.15 -23.35
N ILE B 148 -7.35 -14.96 -23.76
CA ILE B 148 -6.03 -15.04 -23.12
C ILE B 148 -4.99 -14.70 -24.21
N VAL B 149 -5.43 -14.76 -25.47
CA VAL B 149 -4.71 -14.40 -26.70
C VAL B 149 -5.73 -13.76 -27.66
N PRO B 150 -5.33 -12.96 -28.67
CA PRO B 150 -6.34 -12.38 -29.58
C PRO B 150 -7.01 -13.45 -30.47
N PRO B 151 -8.27 -13.23 -30.95
CA PRO B 151 -8.92 -14.24 -31.80
C PRO B 151 -8.26 -14.38 -33.18
N SER B 152 -8.53 -15.51 -33.86
CA SER B 152 -8.04 -15.74 -35.22
C SER B 152 -8.85 -14.85 -36.20
N LYS B 153 -8.16 -14.19 -37.15
CA LYS B 153 -8.80 -13.30 -38.14
C LYS B 153 -9.71 -14.08 -39.07
N ASN B 154 -9.22 -15.21 -39.61
CA ASN B 154 -9.94 -16.09 -40.55
C ASN B 154 -10.22 -17.47 -39.92
N PRO B 155 -11.47 -18.00 -40.01
CA PRO B 155 -11.75 -19.34 -39.42
C PRO B 155 -11.03 -20.47 -40.16
N GLN B 156 -10.66 -20.26 -41.45
CA GLN B 156 -9.94 -21.21 -42.29
C GLN B 156 -8.48 -21.35 -41.82
N ASN B 157 -7.88 -20.21 -41.37
CA ASN B 157 -6.50 -20.10 -40.88
C ASN B 157 -6.51 -19.73 -39.38
N PRO B 158 -6.65 -20.72 -38.46
CA PRO B 158 -6.67 -20.38 -37.01
C PRO B 158 -5.29 -19.97 -36.44
N THR B 159 -4.27 -19.83 -37.32
CA THR B 159 -2.89 -19.47 -36.98
C THR B 159 -2.72 -17.94 -37.02
N ASP B 160 -3.28 -17.25 -38.04
CA ASP B 160 -3.17 -15.79 -38.15
C ASP B 160 -4.22 -15.10 -37.24
N LEU B 161 -3.72 -14.37 -36.24
CA LEU B 161 -4.58 -13.72 -35.26
C LEU B 161 -4.54 -12.19 -35.36
N TYR B 162 -5.51 -11.53 -34.70
CA TYR B 162 -5.51 -10.07 -34.55
C TYR B 162 -4.30 -9.69 -33.65
N ASP B 163 -3.85 -8.43 -33.70
CA ASP B 163 -2.67 -8.00 -32.93
C ASP B 163 -3.06 -7.63 -31.50
N THR B 164 -4.19 -6.93 -31.32
CA THR B 164 -4.77 -6.54 -30.02
C THR B 164 -6.30 -6.64 -30.12
N VAL B 165 -7.03 -6.32 -29.02
CA VAL B 165 -8.48 -6.23 -28.97
C VAL B 165 -8.86 -4.88 -28.35
N THR B 166 -10.06 -4.39 -28.65
CA THR B 166 -10.54 -3.10 -28.15
C THR B 166 -11.99 -3.21 -27.61
N ASP B 167 -12.48 -2.13 -26.99
CA ASP B 167 -13.84 -2.02 -26.46
C ASP B 167 -14.86 -1.64 -27.59
N ASN B 168 -14.38 -0.92 -28.61
CA ASN B 168 -15.15 -0.39 -29.74
C ASN B 168 -14.20 -0.19 -30.93
N VAL B 169 -14.38 -0.99 -31.99
CA VAL B 169 -13.51 -1.02 -33.18
C VAL B 169 -13.46 0.33 -33.92
N HIS B 170 -14.59 1.04 -34.09
CA HIS B 170 -14.53 2.28 -34.85
C HIS B 170 -14.30 3.53 -33.97
N HIS B 171 -14.58 3.47 -32.65
CA HIS B 171 -14.32 4.61 -31.74
C HIS B 171 -13.69 4.08 -30.42
N PRO B 172 -12.43 3.59 -30.49
CA PRO B 172 -11.83 2.98 -29.29
C PRO B 172 -11.49 3.93 -28.15
N SER B 173 -11.57 3.41 -26.93
CA SER B 173 -11.15 4.12 -25.74
C SER B 173 -10.12 3.26 -24.97
N LEU B 174 -10.07 1.93 -25.22
CA LEU B 174 -9.17 0.98 -24.57
C LEU B 174 -8.58 -0.03 -25.54
N PHE B 175 -7.38 -0.55 -25.23
CA PHE B 175 -6.74 -1.62 -25.98
C PHE B 175 -6.14 -2.63 -24.99
N VAL B 176 -6.19 -3.94 -25.35
CA VAL B 176 -5.60 -5.01 -24.53
C VAL B 176 -4.48 -5.67 -25.33
N ALA B 177 -3.26 -5.69 -24.73
CA ALA B 177 -2.07 -6.32 -25.30
C ALA B 177 -1.83 -7.64 -24.56
N PHE B 178 -1.55 -8.73 -25.30
CA PHE B 178 -1.40 -10.07 -24.70
C PHE B 178 0.06 -10.58 -24.69
N TYR B 179 0.96 -9.96 -25.47
CA TYR B 179 2.34 -10.44 -25.59
C TYR B 179 3.36 -9.47 -24.99
N ASP B 180 4.45 -10.00 -24.40
CA ASP B 180 5.52 -9.30 -23.64
C ASP B 180 6.17 -8.03 -24.28
N TYR B 181 6.54 -8.15 -25.55
CA TYR B 181 7.31 -7.24 -26.39
C TYR B 181 6.47 -6.23 -27.21
N GLN B 182 5.19 -6.13 -26.91
CA GLN B 182 4.19 -5.40 -27.66
C GLN B 182 4.03 -3.94 -27.20
N ALA B 183 4.65 -3.58 -26.06
CA ALA B 183 4.58 -2.24 -25.49
C ALA B 183 5.92 -1.81 -24.89
N TYR B 184 6.30 -0.52 -25.11
CA TYR B 184 7.52 0.06 -24.55
C TYR B 184 7.16 1.23 -23.60
N PRO B 185 7.57 1.17 -22.31
CA PRO B 185 7.21 2.28 -21.37
C PRO B 185 8.14 3.48 -21.54
N GLU B 186 7.98 4.24 -22.61
CA GLU B 186 8.87 5.35 -22.97
C GLU B 186 8.93 6.48 -21.93
N TYR B 187 7.77 7.00 -21.49
CA TYR B 187 7.74 8.12 -20.56
C TYR B 187 6.98 7.80 -19.29
N LEU B 188 7.47 8.31 -18.14
CA LEU B 188 6.79 8.16 -16.85
C LEU B 188 6.38 9.56 -16.34
N ILE B 189 5.08 9.75 -16.09
CA ILE B 189 4.54 11.01 -15.58
C ILE B 189 4.21 10.82 -14.11
N THR B 190 4.79 11.68 -13.24
CA THR B 190 4.55 11.73 -11.80
C THR B 190 3.71 13.00 -11.57
N PHE B 191 2.55 12.85 -10.90
CA PHE B 191 1.62 13.98 -10.69
C PHE B 191 0.80 13.83 -9.40
N ARG B 192 0.03 14.86 -9.04
CA ARG B 192 -0.84 14.79 -7.85
C ARG B 192 -2.14 15.56 -8.07
N LYS B 193 -3.12 15.41 -7.15
CA LYS B 193 -4.41 16.12 -7.13
C LYS B 193 -4.20 17.61 -6.81
N LYS C 5 -27.62 10.41 11.85
CA LYS C 5 -27.49 9.01 12.26
C LYS C 5 -26.06 8.51 12.06
N GLN C 6 -25.47 7.97 13.14
CA GLN C 6 -24.08 7.48 13.24
C GLN C 6 -23.75 6.31 12.30
N GLN C 7 -24.72 5.41 12.04
CA GLN C 7 -24.55 4.21 11.22
C GLN C 7 -23.48 3.27 11.86
N ASN C 8 -23.60 3.04 13.19
CA ASN C 8 -22.75 2.12 13.93
C ASN C 8 -23.05 0.70 13.44
N PHE C 9 -22.08 -0.20 13.56
CA PHE C 9 -22.27 -1.54 12.99
C PHE C 9 -21.64 -2.64 13.83
N CYS C 10 -22.03 -3.88 13.52
CA CYS C 10 -21.54 -5.12 14.10
C CYS C 10 -21.16 -6.04 12.97
N VAL C 11 -20.20 -6.94 13.24
CA VAL C 11 -19.71 -7.93 12.29
C VAL C 11 -19.87 -9.29 12.95
N VAL C 12 -20.64 -10.19 12.30
CA VAL C 12 -20.94 -11.53 12.83
C VAL C 12 -20.40 -12.58 11.87
N GLU C 13 -19.51 -13.46 12.33
CA GLU C 13 -18.98 -14.52 11.47
C GLU C 13 -19.98 -15.67 11.29
N LEU C 14 -20.22 -16.08 10.03
CA LEU C 14 -21.10 -17.22 9.72
C LEU C 14 -20.34 -18.51 9.89
N LEU C 15 -21.01 -19.55 10.41
CA LEU C 15 -20.42 -20.87 10.53
C LEU C 15 -20.69 -21.66 9.24
N PRO C 16 -19.74 -22.49 8.76
CA PRO C 16 -20.01 -23.28 7.53
C PRO C 16 -21.28 -24.14 7.59
N SER C 17 -21.81 -24.38 8.80
CA SER C 17 -23.02 -25.18 9.07
C SER C 17 -24.31 -24.48 8.63
N ASP C 18 -24.37 -23.13 8.79
CA ASP C 18 -25.48 -22.21 8.47
C ASP C 18 -25.82 -22.27 6.95
N PRO C 19 -27.13 -22.40 6.55
CA PRO C 19 -27.51 -22.44 5.11
C PRO C 19 -27.13 -21.19 4.31
N GLU C 20 -27.05 -20.03 4.99
CA GLU C 20 -26.65 -18.75 4.42
C GLU C 20 -25.23 -18.82 3.90
N TYR C 21 -24.33 -19.56 4.62
CA TYR C 21 -22.92 -19.72 4.25
C TYR C 21 -22.82 -20.46 2.92
N ASN C 22 -23.53 -21.59 2.80
CA ASN C 22 -23.53 -22.42 1.59
C ASN C 22 -24.08 -21.68 0.39
N THR C 23 -25.11 -20.81 0.59
CA THR C 23 -25.69 -19.98 -0.47
C THR C 23 -24.65 -18.99 -1.00
N VAL C 24 -23.91 -18.31 -0.10
CA VAL C 24 -22.91 -17.28 -0.45
C VAL C 24 -21.70 -17.93 -1.14
N ALA C 25 -21.16 -19.00 -0.51
CA ALA C 25 -20.00 -19.76 -0.98
C ALA C 25 -20.24 -20.39 -2.36
N SER C 26 -21.45 -20.98 -2.61
CA SER C 26 -21.81 -21.60 -3.89
C SER C 26 -21.81 -20.59 -5.01
N LYS C 27 -22.33 -19.38 -4.75
CA LYS C 27 -22.38 -18.29 -5.74
C LYS C 27 -20.96 -17.84 -6.07
N PHE C 28 -20.11 -17.66 -5.04
CA PHE C 28 -18.70 -17.26 -5.17
C PHE C 28 -17.93 -18.31 -5.96
N ASN C 29 -18.13 -19.60 -5.64
CA ASN C 29 -17.42 -20.73 -6.24
C ASN C 29 -17.83 -21.06 -7.68
N GLN C 30 -18.86 -20.39 -8.25
CA GLN C 30 -19.26 -20.61 -9.65
C GLN C 30 -18.15 -20.18 -10.59
N THR C 31 -17.41 -19.11 -10.21
CA THR C 31 -16.32 -18.55 -11.01
C THR C 31 -14.98 -18.48 -10.22
N CYS C 32 -14.98 -18.68 -8.87
CA CYS C 32 -13.77 -18.59 -8.05
C CYS C 32 -13.43 -19.90 -7.25
N SER C 33 -13.78 -21.06 -7.77
CA SER C 33 -13.52 -22.36 -7.16
C SER C 33 -12.02 -22.64 -6.91
N HIS C 34 -11.08 -22.03 -7.70
CA HIS C 34 -9.63 -22.19 -7.54
C HIS C 34 -9.10 -21.44 -6.30
N PHE C 35 -9.91 -20.57 -5.68
CA PHE C 35 -9.56 -19.83 -4.46
C PHE C 35 -10.10 -20.55 -3.23
N ARG C 36 -9.50 -20.32 -2.04
CA ARG C 36 -10.01 -20.93 -0.82
C ARG C 36 -10.58 -19.89 0.13
N ILE C 37 -11.87 -20.09 0.50
CA ILE C 37 -12.61 -19.21 1.41
C ILE C 37 -12.13 -19.47 2.85
N GLU C 38 -11.63 -18.41 3.51
CA GLU C 38 -11.16 -18.43 4.89
C GLU C 38 -12.36 -18.23 5.84
N LYS C 39 -13.22 -17.21 5.53
CA LYS C 39 -14.41 -16.88 6.31
C LYS C 39 -15.41 -16.04 5.53
N ILE C 40 -16.67 -16.06 5.98
CA ILE C 40 -17.78 -15.27 5.47
C ILE C 40 -18.42 -14.59 6.70
N GLU C 41 -18.55 -13.25 6.66
CA GLU C 41 -19.10 -12.44 7.75
C GLU C 41 -20.31 -11.64 7.31
N ARG C 42 -21.30 -11.49 8.21
CA ARG C 42 -22.46 -10.66 7.98
C ARG C 42 -22.22 -9.28 8.58
N ILE C 43 -22.57 -8.23 7.81
CA ILE C 43 -22.48 -6.84 8.26
C ILE C 43 -23.88 -6.37 8.69
N GLN C 44 -24.00 -6.00 9.97
CA GLN C 44 -25.22 -5.53 10.61
C GLN C 44 -25.12 -4.03 10.93
N ASN C 45 -25.69 -3.19 10.03
CA ASN C 45 -25.69 -1.74 10.20
C ASN C 45 -27.16 -1.26 10.13
N PRO C 46 -27.82 -1.06 11.30
CA PRO C 46 -29.26 -0.72 11.29
C PRO C 46 -29.65 0.55 10.54
N ASP C 47 -28.86 1.65 10.65
CA ASP C 47 -29.20 2.89 9.95
C ASP C 47 -29.04 2.75 8.43
N LEU C 48 -28.02 2.02 7.98
CA LEU C 48 -27.74 1.79 6.57
C LEU C 48 -28.78 0.87 5.95
N TRP C 49 -29.23 -0.14 6.73
CA TRP C 49 -30.24 -1.10 6.32
C TRP C 49 -31.59 -0.39 6.13
N ASN C 50 -31.94 0.53 7.06
CA ASN C 50 -33.18 1.30 7.03
C ASN C 50 -33.26 2.24 5.82
N SER C 51 -32.14 2.94 5.51
CA SER C 51 -32.08 3.86 4.36
C SER C 51 -32.17 3.10 3.04
N TYR C 52 -31.58 1.90 2.99
CA TYR C 52 -31.60 1.00 1.83
C TYR C 52 -33.05 0.49 1.57
N GLN C 53 -33.73 0.00 2.63
CA GLN C 53 -35.08 -0.52 2.56
C GLN C 53 -36.09 0.55 2.15
N ALA C 54 -35.87 1.83 2.56
CA ALA C 54 -36.72 2.97 2.19
C ALA C 54 -36.61 3.24 0.69
N LYS C 55 -35.39 3.18 0.13
CA LYS C 55 -35.17 3.37 -1.32
C LYS C 55 -35.81 2.22 -2.12
N LYS C 56 -35.76 0.98 -1.57
CA LYS C 56 -36.33 -0.22 -2.18
C LYS C 56 -37.87 -0.08 -2.27
N LYS C 57 -38.51 0.43 -1.20
CA LYS C 57 -39.96 0.64 -1.13
C LYS C 57 -40.44 1.64 -2.24
N THR C 58 -39.67 2.73 -2.46
CA THR C 58 -39.95 3.75 -3.48
C THR C 58 -39.80 3.15 -4.90
N MET C 59 -38.74 2.33 -5.11
CA MET C 59 -38.46 1.69 -6.39
C MET C 59 -39.52 0.62 -6.71
N ASP C 60 -39.95 -0.17 -5.71
CA ASP C 60 -40.98 -1.20 -5.88
C ASP C 60 -42.33 -0.57 -6.23
N ALA C 61 -42.61 0.64 -5.71
CA ALA C 61 -43.89 1.33 -5.98
C ALA C 61 -43.96 1.95 -7.41
N LYS C 62 -42.85 2.02 -8.17
CA LYS C 62 -42.93 2.62 -9.51
C LYS C 62 -42.51 1.69 -10.69
N ASN C 63 -41.83 0.56 -10.44
CA ASN C 63 -41.30 -0.26 -11.55
C ASN C 63 -42.12 -1.53 -11.91
N GLY C 64 -43.37 -1.63 -11.45
CA GLY C 64 -44.23 -2.75 -11.78
C GLY C 64 -43.71 -4.12 -11.38
N GLN C 65 -43.69 -5.07 -12.32
CA GLN C 65 -43.24 -6.46 -12.12
C GLN C 65 -41.71 -6.62 -11.95
N THR C 66 -40.92 -5.56 -12.27
CA THR C 66 -39.46 -5.61 -12.21
C THR C 66 -38.95 -6.09 -10.86
N MET C 67 -38.00 -7.04 -10.88
CA MET C 67 -37.28 -7.51 -9.70
C MET C 67 -36.13 -6.54 -9.56
N ASN C 68 -36.35 -5.50 -8.74
CA ASN C 68 -35.45 -4.36 -8.59
C ASN C 68 -34.11 -4.64 -7.92
N GLU C 69 -33.99 -5.75 -7.19
CA GLU C 69 -32.79 -6.07 -6.44
C GLU C 69 -32.01 -7.26 -7.03
N LYS C 70 -30.68 -7.11 -7.04
CA LYS C 70 -29.72 -8.16 -7.45
C LYS C 70 -28.65 -8.28 -6.40
N GLN C 71 -28.03 -9.46 -6.30
CA GLN C 71 -26.91 -9.72 -5.41
C GLN C 71 -25.66 -9.79 -6.28
N LEU C 72 -24.77 -8.82 -6.13
CA LEU C 72 -23.56 -8.64 -6.97
C LEU C 72 -22.28 -8.61 -6.14
N PHE C 73 -21.12 -8.68 -6.80
CA PHE C 73 -19.82 -8.70 -6.12
C PHE C 73 -19.08 -7.37 -6.23
N HIS C 74 -18.30 -7.06 -5.20
CA HIS C 74 -17.47 -5.86 -5.17
C HIS C 74 -16.21 -6.15 -4.37
N GLY C 75 -15.07 -6.20 -5.06
CA GLY C 75 -13.76 -6.37 -4.43
C GLY C 75 -13.24 -5.02 -3.95
N THR C 76 -12.50 -5.03 -2.84
CA THR C 76 -11.89 -3.81 -2.29
C THR C 76 -10.62 -4.16 -1.50
N ASP C 77 -9.79 -3.17 -1.16
CA ASP C 77 -8.58 -3.41 -0.36
C ASP C 77 -8.96 -3.53 1.10
N ALA C 78 -8.11 -4.17 1.94
CA ALA C 78 -8.38 -4.38 3.38
C ALA C 78 -8.64 -3.07 4.14
N GLY C 79 -7.95 -2.00 3.76
CA GLY C 79 -8.07 -0.69 4.38
C GLY C 79 -9.42 0.00 4.24
N SER C 80 -10.21 -0.37 3.20
CA SER C 80 -11.54 0.19 2.90
C SER C 80 -12.67 -0.52 3.64
N VAL C 81 -12.44 -1.75 4.14
CA VAL C 81 -13.42 -2.59 4.83
C VAL C 81 -14.10 -1.78 5.99
N PRO C 82 -13.38 -1.06 6.91
CA PRO C 82 -14.11 -0.29 7.95
C PRO C 82 -14.96 0.87 7.35
N HIS C 83 -14.50 1.52 6.27
CA HIS C 83 -15.27 2.61 5.62
C HIS C 83 -16.60 2.07 4.97
N VAL C 84 -16.54 0.90 4.30
CA VAL C 84 -17.70 0.29 3.65
C VAL C 84 -18.72 -0.20 4.72
N ASN C 85 -18.25 -0.84 5.79
CA ASN C 85 -19.13 -1.35 6.86
C ASN C 85 -19.95 -0.22 7.54
N ARG C 86 -19.38 0.98 7.61
CA ARG C 86 -20.05 2.14 8.19
C ARG C 86 -20.93 2.90 7.19
N ASN C 87 -20.39 3.24 5.99
CA ASN C 87 -21.04 4.13 5.03
C ASN C 87 -21.57 3.48 3.77
N GLY C 88 -21.23 2.22 3.53
CA GLY C 88 -21.60 1.55 2.29
C GLY C 88 -20.71 2.05 1.17
N PHE C 89 -21.28 2.16 -0.03
CA PHE C 89 -20.58 2.65 -1.23
C PHE C 89 -21.12 4.02 -1.57
N ASN C 90 -21.22 4.85 -0.56
CA ASN C 90 -21.77 6.19 -0.70
C ASN C 90 -20.63 7.20 -0.78
N ARG C 91 -20.78 8.20 -1.67
CA ARG C 91 -19.83 9.30 -1.90
C ARG C 91 -19.65 10.14 -0.63
N ALA C 98 -14.49 6.43 -12.50
CA ALA C 98 -14.86 7.16 -13.71
C ALA C 98 -14.27 6.43 -14.91
N VAL C 99 -14.91 5.31 -15.31
CA VAL C 99 -14.39 4.52 -16.41
C VAL C 99 -15.47 4.43 -17.56
N ALA C 100 -15.40 3.39 -18.42
CA ALA C 100 -16.19 3.15 -19.65
C ALA C 100 -17.71 3.40 -19.57
N TYR C 101 -18.36 3.10 -18.43
CA TYR C 101 -19.83 3.18 -18.35
C TYR C 101 -20.35 4.27 -17.37
N GLY C 102 -19.48 5.18 -16.93
CA GLY C 102 -19.85 6.28 -16.04
C GLY C 102 -19.03 6.37 -14.77
N LYS C 103 -19.24 7.48 -14.03
CA LYS C 103 -18.60 7.79 -12.74
C LYS C 103 -19.54 7.38 -11.58
N GLY C 104 -19.24 6.26 -10.95
CA GLY C 104 -20.01 5.70 -9.85
C GLY C 104 -19.37 4.44 -9.31
N THR C 105 -20.16 3.61 -8.60
CA THR C 105 -19.64 2.37 -8.01
C THR C 105 -20.01 1.21 -8.92
N TYR C 106 -18.99 0.40 -9.27
CA TYR C 106 -19.07 -0.76 -10.15
C TYR C 106 -19.28 -2.05 -9.36
N PHE C 107 -20.25 -2.86 -9.83
CA PHE C 107 -20.60 -4.15 -9.23
C PHE C 107 -20.61 -5.22 -10.31
N ALA C 108 -20.05 -6.40 -10.02
CA ALA C 108 -19.95 -7.51 -11.00
C ALA C 108 -20.97 -8.61 -10.74
N VAL C 109 -21.52 -9.16 -11.82
CA VAL C 109 -22.43 -10.32 -11.76
C VAL C 109 -21.65 -11.54 -11.23
N ASN C 110 -20.41 -11.75 -11.71
CA ASN C 110 -19.56 -12.89 -11.27
C ASN C 110 -18.39 -12.42 -10.42
N ALA C 111 -18.02 -13.20 -9.39
CA ALA C 111 -16.93 -12.85 -8.47
C ALA C 111 -15.55 -12.81 -9.13
N ASN C 112 -15.34 -13.51 -10.29
CA ASN C 112 -14.01 -13.57 -10.96
C ASN C 112 -13.51 -12.18 -11.29
N TYR C 113 -14.40 -11.31 -11.81
CA TYR C 113 -14.08 -9.92 -12.13
CA TYR C 113 -14.06 -9.91 -12.14
C TYR C 113 -13.53 -9.19 -10.88
N SER C 114 -14.23 -9.31 -9.74
CA SER C 114 -13.87 -8.66 -8.48
C SER C 114 -12.61 -9.25 -7.83
N ALA C 115 -12.30 -10.55 -8.10
CA ALA C 115 -11.18 -11.30 -7.55
C ALA C 115 -9.80 -10.91 -8.13
N ASN C 116 -9.77 -9.99 -9.14
CA ASN C 116 -8.51 -9.46 -9.68
C ASN C 116 -7.80 -8.66 -8.58
N ASP C 117 -6.46 -8.82 -8.46
CA ASP C 117 -5.64 -8.15 -7.43
C ASP C 117 -5.75 -6.62 -7.50
N THR C 118 -6.16 -6.05 -8.66
CA THR C 118 -6.36 -4.61 -8.84
C THR C 118 -7.54 -4.13 -8.00
N TYR C 119 -8.59 -4.99 -7.88
CA TYR C 119 -9.80 -4.67 -7.14
C TYR C 119 -9.71 -5.24 -5.72
N SER C 120 -9.46 -6.53 -5.55
CA SER C 120 -9.31 -7.12 -4.21
C SER C 120 -7.82 -7.34 -3.89
N ARG C 121 -7.14 -6.23 -3.63
CA ARG C 121 -5.71 -6.14 -3.31
C ARG C 121 -5.35 -7.05 -2.10
N PRO C 122 -4.40 -8.01 -2.26
CA PRO C 122 -4.03 -8.87 -1.13
C PRO C 122 -3.35 -8.06 -0.02
N ASP C 123 -3.74 -8.31 1.24
CA ASP C 123 -3.14 -7.63 2.39
C ASP C 123 -1.77 -8.23 2.75
N ALA C 124 -1.16 -7.79 3.88
CA ALA C 124 0.17 -8.23 4.38
C ALA C 124 0.22 -9.75 4.61
N ASN C 125 -0.92 -10.35 5.01
CA ASN C 125 -1.06 -11.79 5.27
C ASN C 125 -1.51 -12.60 4.01
N GLY C 126 -1.73 -11.90 2.89
CA GLY C 126 -2.15 -12.50 1.63
C GLY C 126 -3.66 -12.71 1.48
N ARG C 127 -4.44 -12.13 2.39
CA ARG C 127 -5.90 -12.26 2.35
C ARG C 127 -6.53 -11.20 1.42
N LYS C 128 -7.53 -11.64 0.63
CA LYS C 128 -8.29 -10.84 -0.34
C LYS C 128 -9.73 -10.66 0.15
N HIS C 129 -10.36 -9.53 -0.18
CA HIS C 129 -11.68 -9.18 0.32
C HIS C 129 -12.67 -8.79 -0.81
N VAL C 130 -13.80 -9.53 -0.90
CA VAL C 130 -14.90 -9.29 -1.86
C VAL C 130 -16.24 -9.31 -1.08
N TYR C 131 -17.03 -8.23 -1.23
CA TYR C 131 -18.37 -8.15 -0.67
C TYR C 131 -19.41 -8.79 -1.62
N TYR C 132 -20.48 -9.38 -1.03
CA TYR C 132 -21.63 -9.92 -1.75
C TYR C 132 -22.75 -8.96 -1.37
N VAL C 133 -23.00 -7.97 -2.28
CA VAL C 133 -23.86 -6.78 -2.09
C VAL C 133 -25.29 -6.91 -2.64
N ARG C 134 -26.27 -6.36 -1.88
CA ARG C 134 -27.67 -6.20 -2.32
C ARG C 134 -27.71 -4.86 -3.09
N VAL C 135 -27.97 -4.89 -4.41
CA VAL C 135 -27.96 -3.67 -5.23
C VAL C 135 -29.35 -3.45 -5.89
N LEU C 136 -29.84 -2.23 -5.83
CA LEU C 136 -31.11 -1.84 -6.45
C LEU C 136 -30.85 -1.43 -7.92
N THR C 137 -30.73 -2.43 -8.81
CA THR C 137 -30.46 -2.25 -10.24
C THR C 137 -31.68 -1.63 -10.99
N GLY C 138 -32.91 -1.93 -10.54
CA GLY C 138 -34.17 -1.45 -11.14
C GLY C 138 -34.25 -1.65 -12.64
N ILE C 139 -34.60 -0.58 -13.37
CA ILE C 139 -34.64 -0.51 -14.84
C ILE C 139 -33.32 0.16 -15.29
N TYR C 140 -32.55 -0.54 -16.13
CA TYR C 140 -31.23 -0.11 -16.56
C TYR C 140 -31.08 -0.05 -18.09
N THR C 141 -30.09 0.75 -18.55
CA THR C 141 -29.77 0.94 -19.97
C THR C 141 -28.24 0.79 -20.16
N HIS C 142 -27.76 0.92 -21.41
CA HIS C 142 -26.33 0.89 -21.73
C HIS C 142 -25.64 2.18 -21.21
N GLY C 143 -24.49 2.04 -20.58
CA GLY C 143 -23.74 3.18 -20.04
C GLY C 143 -22.72 3.79 -21.00
N ASN C 144 -22.23 5.01 -20.66
CA ASN C 144 -21.18 5.73 -21.38
C ASN C 144 -20.32 6.51 -20.36
N HIS C 145 -19.06 6.83 -20.73
CA HIS C 145 -18.05 7.48 -19.88
C HIS C 145 -18.46 8.85 -19.30
N SER C 146 -19.31 9.62 -20.01
CA SER C 146 -19.70 10.98 -19.59
C SER C 146 -20.72 11.04 -18.43
N LEU C 147 -21.32 9.89 -18.04
CA LEU C 147 -22.35 9.83 -17.01
C LEU C 147 -21.85 10.05 -15.57
N ILE C 148 -22.58 10.90 -14.83
CA ILE C 148 -22.37 11.19 -13.41
C ILE C 148 -23.67 10.81 -12.67
N VAL C 149 -24.76 10.69 -13.44
CA VAL C 149 -26.11 10.24 -13.05
C VAL C 149 -26.67 9.39 -14.21
N PRO C 150 -27.68 8.50 -13.99
CA PRO C 150 -28.19 7.73 -15.12
C PRO C 150 -28.94 8.60 -16.15
N PRO C 151 -29.03 8.16 -17.43
CA PRO C 151 -29.74 8.98 -18.43
C PRO C 151 -31.25 9.03 -18.19
N SER C 152 -31.93 10.02 -18.78
CA SER C 152 -33.39 10.14 -18.71
C SER C 152 -34.00 9.06 -19.62
N LYS C 153 -35.06 8.36 -19.13
CA LYS C 153 -35.75 7.29 -19.88
C LYS C 153 -36.44 7.85 -21.12
N ASN C 154 -37.18 8.97 -20.96
CA ASN C 154 -37.91 9.64 -22.03
C ASN C 154 -37.34 11.05 -22.29
N PRO C 155 -37.06 11.45 -23.57
CA PRO C 155 -36.52 12.81 -23.82
C PRO C 155 -37.55 13.92 -23.53
N GLN C 156 -38.86 13.58 -23.53
CA GLN C 156 -39.97 14.49 -23.23
C GLN C 156 -40.01 14.81 -21.72
N ASN C 157 -39.67 13.80 -20.87
CA ASN C 157 -39.61 13.88 -19.40
C ASN C 157 -38.15 13.72 -18.93
N PRO C 158 -37.33 14.80 -18.91
CA PRO C 158 -35.92 14.65 -18.48
C PRO C 158 -35.74 14.45 -16.97
N THR C 159 -36.87 14.31 -16.23
CA THR C 159 -36.92 14.13 -14.77
C THR C 159 -36.85 12.62 -14.42
N ASP C 160 -37.59 11.76 -15.16
CA ASP C 160 -37.58 10.31 -14.88
C ASP C 160 -36.36 9.65 -15.53
N LEU C 161 -35.47 9.12 -14.68
CA LEU C 161 -34.23 8.50 -15.15
C LEU C 161 -34.20 6.99 -14.93
N TYR C 162 -33.24 6.31 -15.59
CA TYR C 162 -32.96 4.90 -15.36
C TYR C 162 -32.40 4.75 -13.91
N ASP C 163 -32.46 3.55 -13.32
CA ASP C 163 -32.03 3.33 -11.95
C ASP C 163 -30.52 3.11 -11.88
N THR C 164 -29.97 2.31 -12.82
CA THR C 164 -28.54 2.03 -12.99
C THR C 164 -28.22 1.97 -14.51
N VAL C 165 -26.94 1.70 -14.87
CA VAL C 165 -26.49 1.48 -16.23
C VAL C 165 -25.67 0.17 -16.25
N THR C 166 -25.57 -0.47 -17.43
CA THR C 166 -24.84 -1.73 -17.58
C THR C 166 -23.93 -1.71 -18.84
N ASP C 167 -23.10 -2.75 -19.01
CA ASP C 167 -22.21 -2.94 -20.16
C ASP C 167 -22.98 -3.54 -21.37
N ASN C 168 -24.01 -4.34 -21.09
CA ASN C 168 -24.83 -5.09 -22.04
C ASN C 168 -26.21 -5.35 -21.41
N VAL C 169 -27.26 -4.70 -21.96
CA VAL C 169 -28.65 -4.74 -21.43
C VAL C 169 -29.25 -6.18 -21.41
N HIS C 170 -29.01 -7.01 -22.43
CA HIS C 170 -29.64 -8.33 -22.41
C HIS C 170 -28.76 -9.46 -21.79
N HIS C 171 -27.42 -9.33 -21.76
CA HIS C 171 -26.57 -10.29 -21.05
C HIS C 171 -25.52 -9.50 -20.20
N PRO C 172 -25.97 -8.85 -19.10
CA PRO C 172 -25.04 -8.02 -18.31
C PRO C 172 -23.96 -8.78 -17.56
N SER C 173 -22.82 -8.11 -17.40
CA SER C 173 -21.71 -8.64 -16.58
C SER C 173 -21.33 -7.59 -15.51
N LEU C 174 -21.69 -6.30 -15.72
CA LEU C 174 -21.40 -5.19 -14.79
C LEU C 174 -22.59 -4.25 -14.62
N PHE C 175 -22.67 -3.59 -13.46
CA PHE C 175 -23.66 -2.56 -13.18
C PHE C 175 -22.99 -1.37 -12.49
N VAL C 176 -23.45 -0.13 -12.79
CA VAL C 176 -22.92 1.10 -12.16
C VAL C 176 -24.06 1.77 -11.37
N ALA C 177 -23.86 1.97 -10.06
CA ALA C 177 -24.78 2.65 -9.14
C ALA C 177 -24.29 4.09 -8.89
N PHE C 178 -25.19 5.09 -8.96
CA PHE C 178 -24.83 6.51 -8.82
C PHE C 178 -25.31 7.16 -7.52
N TYR C 179 -26.25 6.54 -6.81
CA TYR C 179 -26.82 7.15 -5.60
C TYR C 179 -26.50 6.43 -4.30
N ASP C 180 -26.56 7.22 -3.21
CA ASP C 180 -26.36 6.75 -1.85
C ASP C 180 -27.55 5.89 -1.47
N TYR C 181 -27.30 4.81 -0.69
CA TYR C 181 -28.32 3.87 -0.20
C TYR C 181 -28.94 3.03 -1.35
N GLN C 182 -28.23 2.92 -2.49
CA GLN C 182 -28.67 2.07 -3.59
C GLN C 182 -28.06 0.65 -3.43
N ALA C 183 -27.12 0.48 -2.48
CA ALA C 183 -26.44 -0.80 -2.24
C ALA C 183 -26.20 -1.05 -0.75
N TYR C 184 -26.39 -2.32 -0.30
CA TYR C 184 -26.13 -2.73 1.08
C TYR C 184 -25.03 -3.82 1.12
N PRO C 185 -23.90 -3.58 1.85
CA PRO C 185 -22.82 -4.60 1.89
C PRO C 185 -23.13 -5.72 2.90
N GLU C 186 -24.07 -6.61 2.54
CA GLU C 186 -24.57 -7.64 3.44
C GLU C 186 -23.50 -8.66 3.94
N TYR C 187 -22.71 -9.22 3.00
CA TYR C 187 -21.72 -10.23 3.36
C TYR C 187 -20.32 -9.85 2.92
N LEU C 188 -19.32 -10.19 3.74
CA LEU C 188 -17.92 -9.99 3.42
C LEU C 188 -17.22 -11.36 3.33
N ILE C 189 -16.61 -11.64 2.17
CA ILE C 189 -15.87 -12.89 1.92
C ILE C 189 -14.39 -12.60 1.99
N THR C 190 -13.67 -13.34 2.87
CA THR C 190 -12.22 -13.29 3.03
C THR C 190 -11.67 -14.60 2.42
N PHE C 191 -10.71 -14.49 1.49
CA PHE C 191 -10.18 -15.65 0.78
C PHE C 191 -8.72 -15.46 0.36
N ARG C 192 -8.09 -16.53 -0.15
CA ARG C 192 -6.70 -16.44 -0.60
C ARG C 192 -6.39 -17.43 -1.73
N LYS C 193 -5.36 -17.04 -2.56
CA LYS C 193 -4.83 -17.78 -3.71
C LYS C 193 -4.25 -19.14 -3.30
N LYS D 5 -14.03 -19.43 20.50
CA LYS D 5 -14.89 -18.25 20.53
C LYS D 5 -14.61 -17.35 19.31
N GLN D 6 -15.70 -16.92 18.63
CA GLN D 6 -15.71 -16.13 17.41
C GLN D 6 -15.02 -14.75 17.51
N GLN D 7 -15.16 -14.08 18.66
CA GLN D 7 -14.63 -12.73 18.94
C GLN D 7 -15.26 -11.70 17.94
N ASN D 8 -16.60 -11.75 17.81
CA ASN D 8 -17.38 -10.83 16.98
C ASN D 8 -17.28 -9.46 17.62
N PHE D 9 -17.46 -8.38 16.84
CA PHE D 9 -17.26 -7.06 17.42
C PHE D 9 -18.22 -6.02 16.85
N CYS D 10 -18.38 -4.91 17.59
CA CYS D 10 -19.15 -3.72 17.23
C CYS D 10 -18.23 -2.52 17.28
N VAL D 11 -18.45 -1.57 16.38
CA VAL D 11 -17.67 -0.35 16.32
C VAL D 11 -18.65 0.80 16.54
N VAL D 12 -18.42 1.56 17.61
CA VAL D 12 -19.29 2.67 18.01
C VAL D 12 -18.52 4.00 17.88
N GLU D 13 -18.95 4.88 16.95
CA GLU D 13 -18.34 6.19 16.76
C GLU D 13 -18.77 7.10 17.94
N LEU D 14 -17.77 7.72 18.61
CA LEU D 14 -17.97 8.61 19.76
C LEU D 14 -18.20 10.06 19.30
N LEU D 15 -19.24 10.72 19.85
CA LEU D 15 -19.56 12.12 19.55
C LEU D 15 -18.54 13.06 20.22
N PRO D 16 -18.15 14.21 19.61
CA PRO D 16 -17.17 15.11 20.28
C PRO D 16 -17.66 15.72 21.60
N SER D 17 -18.99 15.68 21.83
CA SER D 17 -19.68 16.15 23.04
C SER D 17 -19.54 15.14 24.21
N ASP D 18 -19.19 13.88 23.88
CA ASP D 18 -19.01 12.79 24.83
C ASP D 18 -17.77 13.02 25.70
N PRO D 19 -17.87 12.84 27.05
CA PRO D 19 -16.68 13.03 27.91
C PRO D 19 -15.52 12.07 27.56
N GLU D 20 -15.84 10.86 27.07
CA GLU D 20 -14.86 9.85 26.66
C GLU D 20 -14.03 10.33 25.47
N TYR D 21 -14.67 11.05 24.52
CA TYR D 21 -14.04 11.62 23.33
C TYR D 21 -12.98 12.66 23.78
N ASN D 22 -13.34 13.60 24.68
CA ASN D 22 -12.46 14.65 25.19
C ASN D 22 -11.26 14.05 25.94
N THR D 23 -11.47 12.95 26.70
CA THR D 23 -10.41 12.27 27.44
C THR D 23 -9.36 11.70 26.47
N VAL D 24 -9.82 11.02 25.40
CA VAL D 24 -8.95 10.36 24.41
C VAL D 24 -8.20 11.43 23.58
N ALA D 25 -8.94 12.43 23.05
CA ALA D 25 -8.43 13.53 22.24
C ALA D 25 -7.40 14.37 23.00
N SER D 26 -7.64 14.70 24.30
CA SER D 26 -6.72 15.48 25.14
C SER D 26 -5.39 14.77 25.31
N LYS D 27 -5.42 13.44 25.53
CA LYS D 27 -4.22 12.64 25.70
C LYS D 27 -3.42 12.61 24.37
N PHE D 28 -4.11 12.42 23.24
CA PHE D 28 -3.52 12.41 21.90
C PHE D 28 -2.90 13.76 21.57
N ASN D 29 -3.61 14.86 21.90
CA ASN D 29 -3.22 16.25 21.60
C ASN D 29 -2.07 16.78 22.45
N GLN D 30 -1.62 16.04 23.49
CA GLN D 30 -0.47 16.45 24.32
C GLN D 30 0.82 16.53 23.48
N THR D 31 0.94 15.65 22.46
CA THR D 31 2.10 15.60 21.56
C THR D 31 1.69 15.64 20.06
N CYS D 32 0.38 15.50 19.74
CA CYS D 32 -0.13 15.45 18.36
C CYS D 32 -1.20 16.52 18.02
N SER D 33 -1.10 17.74 18.61
CA SER D 33 -2.05 18.83 18.37
C SER D 33 -2.03 19.38 16.92
N HIS D 34 -0.90 19.25 16.21
CA HIS D 34 -0.71 19.74 14.83
C HIS D 34 -1.50 18.89 13.79
N PHE D 35 -2.03 17.71 14.20
CA PHE D 35 -2.85 16.82 13.36
C PHE D 35 -4.34 17.11 13.59
N ARG D 36 -5.20 16.83 12.58
CA ARG D 36 -6.65 17.01 12.71
C ARG D 36 -7.33 15.65 12.93
N ILE D 37 -8.05 15.49 14.06
CA ILE D 37 -8.81 14.28 14.39
C ILE D 37 -10.10 14.27 13.55
N GLU D 38 -10.28 13.22 12.72
CA GLU D 38 -11.45 13.01 11.88
C GLU D 38 -12.55 12.32 12.69
N LYS D 39 -12.19 11.26 13.43
CA LYS D 39 -13.12 10.50 14.28
C LYS D 39 -12.39 9.68 15.34
N ILE D 40 -13.13 9.33 16.41
CA ILE D 40 -12.68 8.45 17.49
C ILE D 40 -13.80 7.40 17.66
N GLU D 41 -13.43 6.12 17.56
CA GLU D 41 -14.34 4.98 17.67
C GLU D 41 -14.00 4.07 18.83
N ARG D 42 -15.04 3.54 19.51
CA ARG D 42 -14.88 2.56 20.59
C ARG D 42 -15.06 1.14 20.00
N ILE D 43 -14.10 0.23 20.27
CA ILE D 43 -14.14 -1.16 19.81
C ILE D 43 -14.70 -2.04 20.94
N GLN D 44 -15.87 -2.64 20.68
CA GLN D 44 -16.57 -3.53 21.61
C GLN D 44 -16.48 -4.99 21.14
N ASN D 45 -15.53 -5.75 21.71
CA ASN D 45 -15.31 -7.16 21.37
C ASN D 45 -15.44 -7.97 22.69
N PRO D 46 -16.64 -8.58 22.95
CA PRO D 46 -16.85 -9.26 24.26
C PRO D 46 -15.90 -10.39 24.58
N ASP D 47 -15.53 -11.24 23.61
CA ASP D 47 -14.63 -12.38 23.89
C ASP D 47 -13.21 -11.91 24.17
N LEU D 48 -12.75 -10.86 23.47
CA LEU D 48 -11.43 -10.28 23.62
C LEU D 48 -11.31 -9.53 24.96
N TRP D 49 -12.41 -8.85 25.35
CA TRP D 49 -12.51 -8.12 26.61
C TRP D 49 -12.46 -9.10 27.81
N ASN D 50 -13.16 -10.24 27.70
CA ASN D 50 -13.22 -11.27 28.73
C ASN D 50 -11.86 -11.94 28.96
N SER D 51 -11.13 -12.25 27.88
CA SER D 51 -9.80 -12.86 27.97
C SER D 51 -8.78 -11.89 28.58
N TYR D 52 -8.92 -10.57 28.27
CA TYR D 52 -8.08 -9.50 28.77
C TYR D 52 -8.30 -9.32 30.31
N GLN D 53 -9.59 -9.27 30.73
CA GLN D 53 -9.98 -9.10 32.14
C GLN D 53 -9.56 -10.29 33.01
N ALA D 54 -9.55 -11.51 32.43
CA ALA D 54 -9.10 -12.72 33.11
C ALA D 54 -7.60 -12.66 33.38
N LYS D 55 -6.80 -12.20 32.39
CA LYS D 55 -5.35 -12.02 32.53
C LYS D 55 -5.03 -10.93 33.57
N LYS D 56 -5.85 -9.86 33.62
CA LYS D 56 -5.71 -8.76 34.57
C LYS D 56 -5.93 -9.25 36.01
N LYS D 57 -6.95 -10.11 36.22
CA LYS D 57 -7.28 -10.70 37.52
C LYS D 57 -6.09 -11.55 38.08
N THR D 58 -5.45 -12.34 37.20
CA THR D 58 -4.30 -13.19 37.53
C THR D 58 -3.09 -12.32 37.87
N MET D 59 -2.85 -11.24 37.10
CA MET D 59 -1.73 -10.33 37.29
C MET D 59 -1.91 -9.53 38.60
N ASP D 60 -3.15 -9.06 38.90
CA ASP D 60 -3.44 -8.31 40.12
C ASP D 60 -3.23 -9.18 41.36
N ALA D 61 -3.50 -10.50 41.26
CA ALA D 61 -3.36 -11.42 42.39
C ALA D 61 -1.89 -11.79 42.70
N LYS D 62 -0.92 -11.49 41.82
CA LYS D 62 0.46 -11.86 42.10
C LYS D 62 1.48 -10.69 42.22
N ASN D 63 1.14 -9.48 41.73
CA ASN D 63 2.11 -8.37 41.70
C ASN D 63 2.00 -7.33 42.83
N GLY D 64 1.31 -7.65 43.94
CA GLY D 64 1.20 -6.75 45.07
C GLY D 64 0.62 -5.38 44.78
N GLN D 65 1.32 -4.30 45.19
CA GLN D 65 0.92 -2.90 45.04
C GLN D 65 1.06 -2.36 43.59
N THR D 66 1.71 -3.13 42.69
CA THR D 66 1.91 -2.71 41.30
C THR D 66 0.59 -2.36 40.58
N MET D 67 0.58 -1.22 39.89
CA MET D 67 -0.50 -0.76 39.03
C MET D 67 -0.16 -1.37 37.67
N ASN D 68 -0.74 -2.55 37.42
CA ASN D 68 -0.45 -3.42 36.29
C ASN D 68 -0.90 -2.91 34.93
N GLU D 69 -1.85 -1.96 34.86
CA GLU D 69 -2.40 -1.49 33.59
C GLU D 69 -1.98 -0.05 33.26
N LYS D 70 -1.67 0.20 31.97
CA LYS D 70 -1.37 1.52 31.39
C LYS D 70 -2.18 1.72 30.11
N GLN D 71 -2.44 2.99 29.74
CA GLN D 71 -3.11 3.33 28.48
C GLN D 71 -2.04 3.91 27.56
N LEU D 72 -1.73 3.18 26.47
CA LEU D 72 -0.62 3.50 25.56
C LEU D 72 -1.10 3.62 24.11
N PHE D 73 -0.24 4.11 23.20
CA PHE D 73 -0.57 4.30 21.79
C PHE D 73 0.05 3.26 20.89
N HIS D 74 -0.63 2.93 19.79
CA HIS D 74 -0.13 2.01 18.78
C HIS D 74 -0.64 2.43 17.41
N GLY D 75 0.27 2.87 16.56
CA GLY D 75 -0.02 3.21 15.18
C GLY D 75 0.05 1.98 14.31
N THR D 76 -0.81 1.89 13.28
CA THR D 76 -0.83 0.75 12.36
C THR D 76 -1.33 1.22 10.99
N ASP D 77 -1.17 0.40 9.95
CA ASP D 77 -1.68 0.74 8.62
C ASP D 77 -3.19 0.43 8.58
N ALA D 78 -3.92 1.04 7.64
CA ALA D 78 -5.39 0.87 7.48
C ALA D 78 -5.81 -0.59 7.29
N GLY D 79 -5.00 -1.36 6.57
CA GLY D 79 -5.24 -2.78 6.29
C GLY D 79 -5.27 -3.70 7.49
N SER D 80 -4.62 -3.31 8.62
CA SER D 80 -4.54 -4.08 9.87
C SER D 80 -5.73 -3.84 10.80
N VAL D 81 -6.47 -2.71 10.62
CA VAL D 81 -7.60 -2.32 11.47
C VAL D 81 -8.66 -3.48 11.59
N PRO D 82 -9.12 -4.16 10.50
CA PRO D 82 -10.08 -5.27 10.69
C PRO D 82 -9.49 -6.45 11.49
N HIS D 83 -8.19 -6.76 11.29
CA HIS D 83 -7.48 -7.84 12.02
C HIS D 83 -7.39 -7.54 13.54
N VAL D 84 -7.05 -6.30 13.93
CA VAL D 84 -6.91 -5.88 15.33
C VAL D 84 -8.29 -5.88 16.01
N ASN D 85 -9.34 -5.36 15.35
CA ASN D 85 -10.70 -5.29 15.95
C ASN D 85 -11.25 -6.69 16.31
N ARG D 86 -10.92 -7.71 15.51
CA ARG D 86 -11.32 -9.09 15.73
C ARG D 86 -10.40 -9.86 16.70
N ASN D 87 -9.07 -9.82 16.47
CA ASN D 87 -8.11 -10.66 17.20
C ASN D 87 -7.21 -9.97 18.19
N GLY D 88 -7.18 -8.66 18.20
CA GLY D 88 -6.26 -7.91 19.03
C GLY D 88 -4.85 -7.99 18.44
N PHE D 89 -3.85 -7.92 19.30
CA PHE D 89 -2.44 -7.97 18.86
C PHE D 89 -1.91 -9.40 19.12
N ASN D 90 -2.22 -10.33 18.19
CA ASN D 90 -1.88 -11.76 18.28
C ASN D 90 -0.61 -12.12 17.50
N ARG D 91 -0.33 -13.44 17.36
CA ARG D 91 0.83 -14.02 16.69
C ARG D 91 0.86 -13.71 15.17
N SER D 92 -0.32 -13.64 14.52
CA SER D 92 -0.41 -13.37 13.08
C SER D 92 -0.47 -11.87 12.77
N TYR D 93 -0.34 -10.98 13.79
CA TYR D 93 -0.36 -9.52 13.57
C TYR D 93 0.91 -9.08 12.80
N ALA D 94 0.72 -8.41 11.62
CA ALA D 94 1.79 -7.92 10.71
C ALA D 94 2.71 -6.85 11.36
N GLY D 95 2.18 -6.12 12.32
CA GLY D 95 2.91 -5.08 13.04
C GLY D 95 3.89 -5.58 14.09
N LYS D 96 4.06 -6.91 14.22
CA LYS D 96 5.03 -7.45 15.16
C LYS D 96 6.45 -7.08 14.65
N ASN D 97 7.24 -6.47 15.52
CA ASN D 97 8.58 -6.00 15.21
C ASN D 97 9.64 -6.70 16.04
N ALA D 98 10.72 -7.09 15.35
CA ALA D 98 11.93 -7.67 15.93
C ALA D 98 13.00 -6.58 15.88
N VAL D 99 12.92 -5.64 16.83
CA VAL D 99 13.87 -4.52 16.84
C VAL D 99 14.66 -4.53 18.19
N ALA D 100 15.22 -3.38 18.60
CA ALA D 100 16.14 -3.16 19.73
C ALA D 100 15.76 -3.83 21.07
N TYR D 101 14.47 -3.95 21.41
CA TYR D 101 14.06 -4.46 22.73
C TYR D 101 13.31 -5.82 22.71
N GLY D 102 13.34 -6.51 21.56
CA GLY D 102 12.71 -7.82 21.41
C GLY D 102 11.71 -7.91 20.27
N LYS D 103 11.25 -9.14 20.00
CA LYS D 103 10.27 -9.48 18.98
C LYS D 103 8.86 -9.56 19.63
N GLY D 104 8.05 -8.53 19.41
CA GLY D 104 6.69 -8.45 19.94
C GLY D 104 5.97 -7.20 19.45
N THR D 105 4.93 -6.79 20.17
CA THR D 105 4.15 -5.61 19.81
C THR D 105 4.61 -4.44 20.68
N TYR D 106 4.97 -3.32 20.03
CA TYR D 106 5.48 -2.09 20.62
C TYR D 106 4.36 -1.10 20.88
N PHE D 107 4.35 -0.52 22.08
CA PHE D 107 3.36 0.48 22.52
C PHE D 107 4.08 1.72 23.07
N ALA D 108 3.63 2.91 22.69
CA ALA D 108 4.28 4.17 23.08
C ALA D 108 3.53 4.91 24.19
N VAL D 109 4.30 5.52 25.10
CA VAL D 109 3.75 6.37 26.16
C VAL D 109 3.08 7.63 25.50
N ASN D 110 3.77 8.25 24.50
CA ASN D 110 3.33 9.46 23.79
C ASN D 110 2.92 9.15 22.35
N ALA D 111 1.79 9.76 21.90
CA ALA D 111 1.19 9.55 20.58
C ALA D 111 2.10 9.95 19.41
N ASN D 112 2.95 10.98 19.55
CA ASN D 112 3.81 11.43 18.44
C ASN D 112 4.81 10.34 17.98
N TYR D 113 5.15 9.37 18.86
CA TYR D 113 5.98 8.24 18.46
C TYR D 113 5.19 7.33 17.45
N SER D 114 3.93 7.02 17.76
CA SER D 114 3.02 6.21 16.95
C SER D 114 2.53 6.94 15.68
N ALA D 115 2.45 8.28 15.74
CA ALA D 115 1.99 9.14 14.65
C ALA D 115 2.98 9.23 13.48
N ASN D 116 4.18 8.64 13.62
CA ASN D 116 5.18 8.55 12.56
C ASN D 116 4.61 7.75 11.37
N ASP D 117 4.83 8.22 10.12
CA ASP D 117 4.30 7.58 8.90
C ASP D 117 4.79 6.13 8.71
N THR D 118 5.91 5.74 9.33
CA THR D 118 6.44 4.37 9.27
C THR D 118 5.50 3.43 10.04
N TYR D 119 4.89 3.91 11.14
CA TYR D 119 4.01 3.14 12.00
C TYR D 119 2.55 3.38 11.60
N SER D 120 2.09 4.64 11.55
CA SER D 120 0.70 4.92 11.11
C SER D 120 0.74 5.42 9.65
N ARG D 121 0.97 4.48 8.75
CA ARG D 121 1.07 4.65 7.31
C ARG D 121 -0.19 5.34 6.74
N PRO D 122 -0.04 6.52 6.08
CA PRO D 122 -1.23 7.17 5.49
C PRO D 122 -1.81 6.32 4.35
N ASP D 123 -3.14 6.12 4.37
CA ASP D 123 -3.80 5.32 3.34
C ASP D 123 -3.94 6.13 2.02
N ALA D 124 -4.65 5.58 1.00
CA ALA D 124 -4.88 6.20 -0.32
C ALA D 124 -5.56 7.57 -0.21
N ASN D 125 -6.41 7.76 0.83
CA ASN D 125 -7.15 9.01 1.12
C ASN D 125 -6.37 9.96 2.05
N GLY D 126 -5.20 9.55 2.52
CA GLY D 126 -4.35 10.32 3.43
C GLY D 126 -4.67 10.19 4.90
N ARG D 127 -5.55 9.23 5.27
CA ARG D 127 -5.93 9.02 6.67
C ARG D 127 -4.93 8.09 7.40
N LYS D 128 -4.62 8.45 8.67
CA LYS D 128 -3.69 7.75 9.56
C LYS D 128 -4.47 7.16 10.72
N HIS D 129 -3.98 6.02 11.26
CA HIS D 129 -4.70 5.28 12.31
C HIS D 129 -3.80 4.93 13.50
N VAL D 130 -4.21 5.38 14.70
CA VAL D 130 -3.53 5.12 15.98
C VAL D 130 -4.59 4.62 17.03
N TYR D 131 -4.34 3.46 17.63
CA TYR D 131 -5.17 2.93 18.71
C TYR D 131 -4.70 3.50 20.09
N TYR D 132 -5.65 3.67 21.02
CA TYR D 132 -5.40 4.07 22.41
C TYR D 132 -5.76 2.81 23.20
N VAL D 133 -4.71 2.00 23.55
CA VAL D 133 -4.77 0.64 24.08
C VAL D 133 -4.60 0.51 25.60
N ARG D 134 -5.38 -0.42 26.20
CA ARG D 134 -5.23 -0.84 27.61
C ARG D 134 -4.16 -1.95 27.60
N VAL D 135 -2.99 -1.72 28.23
CA VAL D 135 -1.88 -2.70 28.21
C VAL D 135 -1.51 -3.14 29.64
N LEU D 136 -1.36 -4.46 29.84
CA LEU D 136 -0.95 -5.04 31.11
C LEU D 136 0.58 -5.10 31.16
N THR D 137 1.20 -3.96 31.52
CA THR D 137 2.64 -3.79 31.60
C THR D 137 3.26 -4.56 32.80
N GLY D 138 2.49 -4.69 33.89
CA GLY D 138 2.91 -5.40 35.12
C GLY D 138 4.27 -4.96 35.65
N ILE D 139 5.14 -5.94 35.95
CA ILE D 139 6.52 -5.76 36.37
C ILE D 139 7.38 -5.90 35.10
N TYR D 140 8.17 -4.86 34.77
CA TYR D 140 8.98 -4.83 33.56
C TYR D 140 10.46 -4.57 33.85
N THR D 141 11.32 -4.98 32.89
CA THR D 141 12.76 -4.80 32.94
C THR D 141 13.23 -4.20 31.60
N HIS D 142 14.55 -3.95 31.46
CA HIS D 142 15.16 -3.46 30.23
C HIS D 142 15.14 -4.59 29.17
N GLY D 143 14.76 -4.27 27.94
CA GLY D 143 14.73 -5.23 26.84
C GLY D 143 16.03 -5.35 26.05
N ASN D 144 16.15 -6.41 25.24
CA ASN D 144 17.26 -6.66 24.31
C ASN D 144 16.71 -7.33 23.04
N HIS D 145 17.44 -7.20 21.92
CA HIS D 145 17.04 -7.69 20.58
C HIS D 145 16.77 -9.22 20.47
N SER D 146 17.41 -10.04 21.31
CA SER D 146 17.29 -11.51 21.24
C SER D 146 15.96 -12.07 21.84
N LEU D 147 15.17 -11.23 22.55
CA LEU D 147 13.95 -11.67 23.23
C LEU D 147 12.78 -12.00 22.31
N ILE D 148 12.11 -13.13 22.59
CA ILE D 148 10.90 -13.62 21.92
C ILE D 148 9.81 -13.78 23.01
N VAL D 149 10.26 -13.81 24.27
CA VAL D 149 9.47 -13.85 25.51
C VAL D 149 10.20 -12.99 26.55
N PRO D 150 9.54 -12.48 27.63
CA PRO D 150 10.28 -11.68 28.61
C PRO D 150 11.30 -12.51 29.39
N PRO D 151 12.38 -11.90 29.93
CA PRO D 151 13.37 -12.69 30.69
C PRO D 151 12.79 -13.20 32.02
N SER D 152 13.44 -14.23 32.59
CA SER D 152 13.08 -14.76 33.90
C SER D 152 13.54 -13.76 34.97
N LYS D 153 12.69 -13.49 35.98
CA LYS D 153 12.99 -12.55 37.07
C LYS D 153 14.14 -13.06 37.93
N ASN D 154 14.10 -14.35 38.32
CA ASN D 154 15.11 -15.02 39.16
C ASN D 154 15.84 -16.13 38.37
N PRO D 155 17.20 -16.18 38.40
CA PRO D 155 17.91 -17.24 37.66
C PRO D 155 17.69 -18.65 38.24
N GLN D 156 17.30 -18.73 39.54
CA GLN D 156 17.00 -19.97 40.25
C GLN D 156 15.66 -20.56 39.77
N ASN D 157 14.69 -19.67 39.46
CA ASN D 157 13.35 -20.01 38.96
C ASN D 157 13.18 -19.48 37.52
N PRO D 158 13.62 -20.25 36.49
CA PRO D 158 13.47 -19.77 35.09
C PRO D 158 12.03 -19.80 34.57
N THR D 159 11.06 -20.13 35.45
CA THR D 159 9.63 -20.25 35.14
C THR D 159 8.94 -18.87 35.33
N ASP D 160 9.24 -18.14 36.44
CA ASP D 160 8.62 -16.83 36.69
C ASP D 160 9.33 -15.74 35.88
N LEU D 161 8.59 -15.11 34.95
CA LEU D 161 9.14 -14.10 34.06
C LEU D 161 8.57 -12.71 34.32
N TYR D 162 9.23 -11.68 33.76
CA TYR D 162 8.71 -10.30 33.76
C TYR D 162 7.44 -10.28 32.88
N ASP D 163 6.57 -9.27 33.04
CA ASP D 163 5.31 -9.19 32.30
C ASP D 163 5.54 -8.56 30.91
N THR D 164 6.33 -7.49 30.84
CA THR D 164 6.73 -6.79 29.61
C THR D 164 8.21 -6.36 29.74
N VAL D 165 8.76 -5.70 28.71
CA VAL D 165 10.11 -5.09 28.71
C VAL D 165 9.96 -3.63 28.24
N THR D 166 10.93 -2.80 28.60
CA THR D 166 10.91 -1.37 28.23
C THR D 166 12.31 -0.91 27.72
N ASP D 167 12.37 0.32 27.20
CA ASP D 167 13.61 0.96 26.73
C ASP D 167 14.43 1.56 27.89
N ASN D 168 13.73 2.00 28.95
CA ASN D 168 14.27 2.65 30.14
C ASN D 168 13.33 2.38 31.33
N VAL D 169 13.76 1.58 32.32
CA VAL D 169 12.97 1.14 33.48
C VAL D 169 12.46 2.32 34.35
N HIS D 170 13.25 3.37 34.61
CA HIS D 170 12.77 4.44 35.47
C HIS D 170 12.14 5.61 34.69
N HIS D 171 12.42 5.77 33.37
CA HIS D 171 11.79 6.82 32.57
C HIS D 171 11.36 6.23 31.19
N PRO D 172 10.35 5.33 31.19
CA PRO D 172 9.98 4.66 29.94
C PRO D 172 9.29 5.52 28.89
N SER D 173 9.56 5.18 27.63
CA SER D 173 8.89 5.81 26.49
C SER D 173 8.21 4.73 25.63
N LEU D 174 8.66 3.45 25.75
CA LEU D 174 8.13 2.30 25.00
C LEU D 174 7.96 1.08 25.88
N PHE D 175 7.02 0.20 25.51
CA PHE D 175 6.80 -1.10 26.14
C PHE D 175 6.61 -2.17 25.06
N VAL D 176 7.11 -3.39 25.28
CA VAL D 176 6.96 -4.53 24.36
C VAL D 176 6.14 -5.62 25.04
N ALA D 177 5.00 -6.02 24.43
CA ALA D 177 4.13 -7.10 24.89
C ALA D 177 4.36 -8.33 24.02
N PHE D 178 4.49 -9.52 24.64
CA PHE D 178 4.81 -10.77 23.92
C PHE D 178 3.64 -11.75 23.85
N TYR D 179 2.59 -11.56 24.67
CA TYR D 179 1.48 -12.51 24.72
C TYR D 179 0.14 -11.97 24.26
N ASP D 180 -0.71 -12.91 23.83
CA ASP D 180 -2.09 -12.68 23.45
C ASP D 180 -2.88 -12.32 24.73
N TYR D 181 -3.84 -11.41 24.58
CA TYR D 181 -4.72 -10.96 25.66
C TYR D 181 -3.97 -10.12 26.72
N GLN D 182 -2.81 -9.58 26.36
CA GLN D 182 -2.07 -8.67 27.23
C GLN D 182 -2.45 -7.19 26.93
N ALA D 183 -3.16 -6.96 25.81
CA ALA D 183 -3.57 -5.63 25.37
C ALA D 183 -4.97 -5.65 24.78
N TYR D 184 -5.78 -4.59 25.07
CA TYR D 184 -7.12 -4.45 24.52
C TYR D 184 -7.20 -3.15 23.67
N PRO D 185 -7.57 -3.26 22.36
CA PRO D 185 -7.64 -2.04 21.51
C PRO D 185 -8.96 -1.28 21.73
N GLU D 186 -9.08 -0.58 22.86
CA GLU D 186 -10.32 0.09 23.25
C GLU D 186 -10.78 1.20 22.28
N TYR D 187 -9.89 2.13 21.91
CA TYR D 187 -10.27 3.24 21.04
C TYR D 187 -9.43 3.30 19.79
N LEU D 188 -10.06 3.68 18.66
CA LEU D 188 -9.36 3.89 17.39
C LEU D 188 -9.48 5.37 16.98
N ILE D 189 -8.32 6.04 16.79
CA ILE D 189 -8.26 7.44 16.37
C ILE D 189 -7.87 7.50 14.88
N THR D 190 -8.73 8.14 14.07
CA THR D 190 -8.50 8.38 12.64
C THR D 190 -8.18 9.88 12.51
N PHE D 191 -7.06 10.21 11.85
CA PHE D 191 -6.61 11.60 11.75
C PHE D 191 -5.79 11.85 10.46
N ARG D 192 -5.41 13.11 10.21
CA ARG D 192 -4.59 13.42 9.03
C ARG D 192 -3.66 14.62 9.28
N LYS D 193 -2.72 14.85 8.34
CA LYS D 193 -1.75 15.94 8.39
C LYS D 193 -2.38 17.26 7.93
C EBB E . 15.64 2.49 13.69
C1 EBB E . 15.52 2.24 12.20
C2 EBB E . 14.53 2.88 11.45
C3 EBB E . 13.56 3.84 12.11
C4 EBB E . 14.46 2.64 10.08
C5 EBB E . 15.35 1.75 9.46
C6 EBB E . 16.33 1.12 10.22
C7 EBB E . 16.40 1.36 11.58
C8 EBB E . 15.24 1.50 8.01
C9 EBB E . 13.39 3.06 8.08
C10 EBB E . 12.32 3.77 7.29
C11 EBB E . 10.83 3.68 4.99
C12 EBB E . 9.36 3.81 3.29
C13 EBB E . 8.47 4.51 4.08
C14 EBB E . 8.89 4.76 5.36
O EBB E . 15.99 0.75 7.39
N EBB E . 14.24 2.19 7.37
S EBB E . 12.38 3.14 5.60
N1 EBB E . 13.47 3.30 9.38
N3 EBB E . 10.06 4.37 5.85
N2 EBB E . 10.55 3.38 3.73
C EBB F . -9.54 -0.90 -18.28
C1 EBB F . -8.25 -0.43 -17.68
C2 EBB F . -7.61 -1.17 -16.67
C3 EBB F . -8.21 -2.45 -16.15
C4 EBB F . -6.41 -0.70 -16.14
C5 EBB F . -5.83 0.49 -16.62
C6 EBB F . -6.47 1.21 -17.62
C7 EBB F . -7.67 0.74 -18.14
C8 EBB F . -4.56 0.97 -16.04
C9 EBB F . -4.68 -1.01 -14.64
C10 EBB F . -4.02 -1.81 -13.55
C11 EBB F . -1.93 -1.88 -11.79
C12 EBB F . -0.43 -2.16 -10.14
C13 EBB F . -1.29 -2.96 -9.44
C14 EBB F . -2.52 -3.17 -10.03
O EBB F . -3.99 2.00 -16.39
N EBB F . -4.03 0.17 -15.05
S EBB F . -2.35 -1.17 -13.33
N1 EBB F . -5.83 -1.46 -15.14
N3 EBB F . -2.86 -2.65 -11.21
N2 EBB F . -0.72 -1.61 -11.32
C EBB G . -14.71 -2.28 -13.89
C1 EBB G . -14.86 -2.62 -12.43
C2 EBB G . -14.39 -1.75 -11.44
C3 EBB G . -13.92 -0.35 -11.79
C4 EBB G . -14.40 -2.17 -10.10
C5 EBB G . -14.88 -3.44 -9.75
C6 EBB G . -15.40 -4.28 -10.74
C7 EBB G . -15.38 -3.86 -12.06
C8 EBB G . -14.74 -3.93 -8.36
C9 EBB G . -13.66 -1.75 -7.94
C10 EBB G . -12.88 -0.81 -7.00
C11 EBB G . -10.84 -0.51 -5.15
C12 EBB G . -9.18 -0.11 -3.66
C13 EBB G . -9.20 1.24 -3.98
C14 EBB G . -10.12 1.62 -4.94
O EBB G . -15.11 -5.04 -7.99
N EBB G . -14.12 -3.06 -7.49
S EBB G . -11.80 -1.77 -5.90
N1 EBB G . -13.81 -1.32 -9.19
N3 EBB G . -10.95 0.76 -5.53
N2 EBB G . -9.99 -1.02 -4.24
N NO3 H . -14.19 -2.10 -18.29
O1 NO3 H . -13.49 -3.09 -18.23
O2 NO3 H . -13.95 -1.04 -17.71
O3 NO3 H . -15.28 -2.17 -19.01
C EBB I . 9.43 1.68 18.29
C1 EBB I . 7.97 1.53 18.01
C2 EBB I . 7.50 0.57 17.09
C3 EBB I . 8.42 -0.49 16.54
C4 EBB I . 6.14 0.60 16.71
C5 EBB I . 5.25 1.53 17.27
C6 EBB I . 5.71 2.43 18.25
C7 EBB I . 7.05 2.43 18.59
C8 EBB I . 3.86 1.61 16.76
C9 EBB I . 4.59 -0.13 15.19
C10 EBB I . 4.42 -0.88 13.88
C11 EBB I . 2.72 -1.80 11.90
C12 EBB I . 1.48 -2.60 10.19
C13 EBB I . 2.60 -2.67 9.39
C14 EBB I . 3.78 -2.24 9.96
O EBB I . 3.01 2.38 17.21
N EBB I . 3.57 0.75 15.72
S EBB I . 2.71 -1.38 13.61
N1 EBB I . 5.78 -0.24 15.69
N3 EBB I . 3.87 -1.80 11.22
N2 EBB I . 1.52 -2.17 11.47
N NO3 J . 13.53 3.18 17.85
O1 NO3 J . 13.85 4.34 18.01
O2 NO3 J . 12.65 2.80 17.08
O3 NO3 J . 14.17 2.26 18.54
#